data_7LI9
#
_entry.id   7LI9
#
_cell.length_a   1.00
_cell.length_b   1.00
_cell.length_c   1.00
_cell.angle_alpha   90.00
_cell.angle_beta   90.00
_cell.angle_gamma   90.00
#
_symmetry.space_group_name_H-M   'P 1'
#
loop_
_entity.id
_entity.type
_entity.pdbx_description
1 polymer 'Sodium-dependent serotonin transporter'
2 polymer 'variable domain of 15B8 antibody Fab heavy chain'
3 polymer 'variable domain of 15B8 antibody Fab light chain'
4 branched 2-acetamido-2-deoxy-beta-D-glucopyranose-(1-4)-2-acetamido-2-deoxy-beta-D-glucopyranose
5 non-polymer DODECANE
6 non-polymer HEPTANE
7 non-polymer DECANE
8 non-polymer PENTANE
9 non-polymer SEROTONIN
10 non-polymer 'CHLORIDE ION'
#
loop_
_entity_poly.entity_id
_entity_poly.type
_entity_poly.pdbx_seq_one_letter_code
_entity_poly.pdbx_strand_id
1 'polypeptide(L)'
;RETWGKKVDFLLSVIGYAVDLGNVWRFPYICYQNGGGAFLLPYTIMAIFGGIPLFYMELALGQYHRNGCISIWRKICPIF
KGIGYAICIIAFYIASYYNTIMAWALYYLISSFTDQLPWTSCKNSWNTGNCTNYFSEDNITWTLHSTSPAEEFYTRHVLQ
IHRSKGLQDLGGISWQLALCIMLIFTVIYFSIWKGVKTSGKVVWVTATFPYIILSVLLVRGATLPGAWRGVLFYLKPNWQ
KLLETGVWIDAAAQIFFSLGPGFGVLLAFASYNKFNNNCYQDALVTSVVNCMTSFVSGFVIFTVLGYMAEMRNEDVSEVA
KDAGPSLLFITYAEAIANMPASTFFAIIFFLMLITLGLDSTFAGLEGVITAVLDEFPHVWAKRRERFVLAVVITCFFGSL
VTLTFGGAYVVKLLEEYATGPAVLTVALIEAVAVSWFYGITQFCRDVKEMLGFSPGWFWRICWVAISPLFLLFIICSFLM
SPPQLRLFQYNYPYWSIILGYCIGTSSFICIPTYIAYRLIITPGTFKERIIKSITPETP
;
A
2 'polypeptide(L)'
;QVQLQQSGPELVKLGASVRISCKASGYRFSYSWMNWVKQRPGKGLEWIGRIYPGDGDTKYSGKFKGKATLTADKSSSTVY
MQLSSLTSEDSAVYFCARSAYGSEGFAMDYWGQGTSVT
;
B
3 'polypeptide(L)'
;DIVLTQSPASLAVSLGQRATISCRASESVDNYGISFLNWFQQKPGQPPKLLIYAASNQGSGVPARFSGSGSGTYFSLNIH
PMEEDDTAVYFCQQTKGVSWTFGGGTKVEI
;
C
#
loop_
_chem_comp.id
_chem_comp.type
_chem_comp.name
_chem_comp.formula
CL non-polymer 'CHLORIDE ION' 'Cl -1'
D10 non-polymer DECANE 'C10 H22'
D12 non-polymer DODECANE 'C12 H26'
HP6 non-polymer HEPTANE 'C7 H16'
LNK non-polymer PENTANE 'C5 H12'
NAG D-saccharide, beta linking 2-acetamido-2-deoxy-beta-D-glucopyranose 'C8 H15 N O6'
SRO non-polymer SEROTONIN 'C10 H12 N2 O'
#
# COMPACT_ATOMS: atom_id res chain seq x y z
N ARG A 1 8.75 -23.15 -32.85
CA ARG A 1 9.07 -24.52 -33.24
C ARG A 1 10.32 -24.57 -34.10
N GLU A 2 10.20 -24.10 -35.34
CA GLU A 2 11.35 -24.09 -36.24
C GLU A 2 12.38 -23.06 -35.82
N THR A 3 11.95 -21.95 -35.23
CA THR A 3 12.82 -20.88 -34.78
C THR A 3 12.64 -20.62 -33.28
N TRP A 4 12.59 -21.71 -32.49
CA TRP A 4 12.34 -21.56 -31.06
C TRP A 4 13.49 -20.86 -30.36
N GLY A 5 14.73 -21.04 -30.83
CA GLY A 5 15.87 -20.39 -30.20
C GLY A 5 15.82 -18.88 -30.34
N LYS A 6 15.64 -18.40 -31.58
CA LYS A 6 15.53 -16.96 -31.80
C LYS A 6 14.31 -16.39 -31.08
N LYS A 7 13.21 -17.13 -31.05
CA LYS A 7 12.01 -16.65 -30.37
C LYS A 7 12.24 -16.52 -28.88
N VAL A 8 12.91 -17.49 -28.26
CA VAL A 8 13.15 -17.41 -26.81
C VAL A 8 14.20 -16.35 -26.51
N ASP A 9 15.15 -16.13 -27.42
CA ASP A 9 16.12 -15.05 -27.21
C ASP A 9 15.44 -13.69 -27.25
N PHE A 10 14.55 -13.47 -28.22
CA PHE A 10 13.80 -12.23 -28.26
C PHE A 10 12.86 -12.10 -27.06
N LEU A 11 12.28 -13.21 -26.61
CA LEU A 11 11.44 -13.17 -25.41
C LEU A 11 12.24 -12.73 -24.20
N LEU A 12 13.46 -13.28 -24.04
CA LEU A 12 14.32 -12.86 -22.94
C LEU A 12 14.68 -11.38 -23.06
N SER A 13 15.02 -10.93 -24.27
CA SER A 13 15.42 -9.53 -24.43
C SER A 13 14.26 -8.58 -24.18
N VAL A 14 13.02 -9.00 -24.46
CA VAL A 14 11.90 -8.09 -24.24
C VAL A 14 11.46 -8.13 -22.78
N ILE A 15 11.49 -9.31 -22.14
CA ILE A 15 11.14 -9.36 -20.73
C ILE A 15 12.20 -8.65 -19.90
N GLY A 16 13.43 -8.53 -20.41
CA GLY A 16 14.42 -7.71 -19.75
C GLY A 16 14.24 -6.21 -19.96
N TYR A 17 13.28 -5.81 -20.79
CA TYR A 17 13.09 -4.40 -21.13
C TYR A 17 11.65 -3.92 -21.09
N ALA A 18 10.65 -4.80 -21.10
CA ALA A 18 9.26 -4.40 -21.25
C ALA A 18 8.44 -4.52 -19.97
N VAL A 19 8.61 -5.61 -19.22
CA VAL A 19 7.74 -5.84 -18.07
C VAL A 19 8.00 -4.77 -17.01
N ASP A 20 6.93 -4.32 -16.36
CA ASP A 20 7.02 -3.28 -15.35
C ASP A 20 5.97 -3.55 -14.28
N LEU A 21 5.97 -2.70 -13.25
CA LEU A 21 5.05 -2.88 -12.13
C LEU A 21 3.60 -2.59 -12.52
N GLY A 22 3.38 -1.85 -13.59
CA GLY A 22 2.04 -1.52 -14.03
C GLY A 22 1.18 -2.72 -14.35
N ASN A 23 1.64 -3.56 -15.27
CA ASN A 23 0.90 -4.74 -15.68
C ASN A 23 0.77 -5.78 -14.58
N VAL A 24 1.39 -5.56 -13.42
CA VAL A 24 1.29 -6.48 -12.31
C VAL A 24 0.36 -5.97 -11.20
N TRP A 25 0.26 -4.66 -11.01
CA TRP A 25 -0.55 -4.08 -9.94
C TRP A 25 -1.78 -3.34 -10.44
N ARG A 26 -1.64 -2.53 -11.49
CA ARG A 26 -2.77 -1.73 -11.96
C ARG A 26 -3.83 -2.60 -12.64
N PHE A 27 -3.42 -3.71 -13.27
CA PHE A 27 -4.38 -4.52 -14.01
C PHE A 27 -5.28 -5.36 -13.12
N PRO A 28 -4.78 -6.08 -12.10
CA PRO A 28 -5.69 -6.97 -11.35
C PRO A 28 -6.86 -6.26 -10.69
N TYR A 29 -6.61 -5.16 -9.96
CA TYR A 29 -7.70 -4.50 -9.25
C TYR A 29 -8.65 -3.80 -10.22
N ILE A 30 -8.14 -3.28 -11.34
CA ILE A 30 -9.01 -2.67 -12.34
C ILE A 30 -9.91 -3.73 -12.97
N CYS A 31 -9.36 -4.90 -13.28
CA CYS A 31 -10.17 -5.98 -13.82
C CYS A 31 -11.19 -6.49 -12.81
N TYR A 32 -10.82 -6.50 -11.52
CA TYR A 32 -11.74 -6.97 -10.49
C TYR A 32 -12.87 -5.98 -10.27
N GLN A 33 -12.58 -4.68 -10.37
CA GLN A 33 -13.63 -3.67 -10.19
C GLN A 33 -14.67 -3.75 -11.30
N ASN A 34 -14.26 -4.14 -12.51
CA ASN A 34 -15.18 -4.29 -13.63
C ASN A 34 -15.71 -5.71 -13.76
N GLY A 35 -15.23 -6.65 -12.95
CA GLY A 35 -15.67 -8.02 -13.02
C GLY A 35 -14.79 -8.89 -13.89
N GLY A 36 -14.40 -10.05 -13.37
CA GLY A 36 -13.55 -10.94 -14.15
C GLY A 36 -14.28 -11.55 -15.33
N GLY A 37 -13.52 -11.91 -16.34
CA GLY A 37 -14.09 -12.47 -17.57
C GLY A 37 -14.71 -11.44 -18.50
N ALA A 38 -15.59 -10.59 -17.97
CA ALA A 38 -16.17 -9.52 -18.76
C ALA A 38 -15.19 -8.38 -19.02
N PHE A 39 -13.95 -8.48 -18.53
CA PHE A 39 -12.93 -7.48 -18.76
C PHE A 39 -11.80 -7.97 -19.67
N LEU A 40 -11.57 -9.27 -19.76
CA LEU A 40 -10.47 -9.79 -20.56
C LEU A 40 -10.74 -9.61 -22.05
N LEU A 41 -11.94 -9.98 -22.50
CA LEU A 41 -12.29 -9.80 -23.91
C LEU A 41 -12.29 -8.33 -24.32
N PRO A 42 -12.90 -7.40 -23.57
CA PRO A 42 -12.71 -5.99 -23.91
C PRO A 42 -11.27 -5.53 -23.83
N TYR A 43 -10.47 -6.12 -22.94
CA TYR A 43 -9.06 -5.78 -22.88
C TYR A 43 -8.35 -6.12 -24.18
N THR A 44 -8.53 -7.35 -24.66
CA THR A 44 -7.91 -7.75 -25.92
C THR A 44 -8.47 -6.97 -27.10
N ILE A 45 -9.75 -6.63 -27.06
CA ILE A 45 -10.34 -5.83 -28.14
C ILE A 45 -9.70 -4.46 -28.18
N MET A 46 -9.65 -3.78 -27.04
CA MET A 46 -9.02 -2.47 -26.96
C MET A 46 -7.56 -2.53 -27.39
N ALA A 47 -6.84 -3.57 -26.95
CA ALA A 47 -5.44 -3.72 -27.35
C ALA A 47 -5.32 -3.83 -28.86
N ILE A 48 -5.89 -4.88 -29.45
CA ILE A 48 -5.77 -5.14 -30.88
C ILE A 48 -6.38 -4.03 -31.72
N PHE A 49 -7.19 -3.15 -31.14
CA PHE A 49 -7.74 -2.04 -31.91
C PHE A 49 -6.85 -0.80 -31.86
N GLY A 50 -6.41 -0.40 -30.67
CA GLY A 50 -5.70 0.86 -30.55
C GLY A 50 -4.49 0.91 -29.64
N GLY A 51 -3.78 -0.19 -29.48
CA GLY A 51 -2.56 -0.14 -28.69
C GLY A 51 -1.35 -0.64 -29.45
N ILE A 52 -1.58 -1.51 -30.42
CA ILE A 52 -0.50 -2.07 -31.23
C ILE A 52 -0.10 -1.09 -32.33
N PRO A 53 -1.05 -0.51 -33.10
CA PRO A 53 -0.65 0.48 -34.12
C PRO A 53 0.01 1.71 -33.52
N LEU A 54 -0.49 2.21 -32.39
CA LEU A 54 0.15 3.35 -31.75
C LEU A 54 1.55 3.00 -31.26
N PHE A 55 1.73 1.78 -30.73
CA PHE A 55 3.06 1.33 -30.33
C PHE A 55 4.01 1.33 -31.51
N TYR A 56 3.60 0.74 -32.64
CA TYR A 56 4.47 0.66 -33.80
C TYR A 56 4.76 2.06 -34.36
N MET A 57 3.75 2.93 -34.35
CA MET A 57 3.94 4.30 -34.85
C MET A 57 4.94 5.06 -34.00
N GLU A 58 4.80 4.97 -32.68
CA GLU A 58 5.74 5.65 -31.79
C GLU A 58 7.15 5.10 -31.95
N LEU A 59 7.28 3.78 -32.08
CA LEU A 59 8.60 3.19 -32.26
C LEU A 59 9.23 3.65 -33.56
N ALA A 60 8.46 3.67 -34.65
CA ALA A 60 8.99 4.10 -35.93
C ALA A 60 9.38 5.58 -35.91
N LEU A 61 8.56 6.41 -35.27
CA LEU A 61 8.89 7.84 -35.18
C LEU A 61 10.16 8.05 -34.36
N GLY A 62 10.30 7.33 -33.24
CA GLY A 62 11.51 7.46 -32.45
C GLY A 62 12.74 6.97 -33.18
N GLN A 63 12.61 5.89 -33.95
CA GLN A 63 13.76 5.36 -34.68
C GLN A 63 14.13 6.25 -35.87
N TYR A 64 13.16 6.93 -36.47
CA TYR A 64 13.44 7.75 -37.65
C TYR A 64 13.93 9.14 -37.26
N HIS A 65 13.13 9.87 -36.48
CA HIS A 65 13.46 11.26 -36.17
C HIS A 65 14.66 11.35 -35.23
N ARG A 66 14.79 10.42 -34.29
CA ARG A 66 15.89 10.39 -33.33
C ARG A 66 15.95 11.70 -32.54
N ASN A 67 14.88 11.96 -31.80
CA ASN A 67 14.77 13.16 -30.98
C ASN A 67 13.95 12.84 -29.74
N GLY A 68 13.82 13.84 -28.86
CA GLY A 68 13.03 13.67 -27.66
C GLY A 68 11.54 13.68 -27.95
N CYS A 69 10.76 13.36 -26.91
CA CYS A 69 9.32 13.27 -27.05
C CYS A 69 8.68 14.61 -27.37
N ILE A 70 9.35 15.73 -27.04
CA ILE A 70 8.81 17.05 -27.30
C ILE A 70 9.43 17.61 -28.57
N SER A 71 10.63 17.13 -28.92
CA SER A 71 11.34 17.63 -30.08
C SER A 71 10.86 17.03 -31.39
N ILE A 72 9.94 16.06 -31.34
CA ILE A 72 9.42 15.48 -32.58
C ILE A 72 8.58 16.51 -33.33
N TRP A 73 7.84 17.34 -32.60
CA TRP A 73 7.00 18.36 -33.23
C TRP A 73 7.79 19.47 -33.88
N ARG A 74 9.10 19.55 -33.65
CA ARG A 74 9.92 20.54 -34.32
C ARG A 74 10.16 20.22 -35.78
N LYS A 75 9.78 19.02 -36.24
CA LYS A 75 9.96 18.62 -37.63
C LYS A 75 8.70 18.01 -38.23
N ILE A 76 7.58 18.02 -37.51
CA ILE A 76 6.34 17.47 -38.02
C ILE A 76 5.25 18.53 -37.99
N CYS A 77 4.92 19.03 -36.81
CA CYS A 77 3.95 20.12 -36.64
C CYS A 77 4.43 21.02 -35.51
N PRO A 78 5.02 22.17 -35.83
CA PRO A 78 5.48 23.09 -34.77
C PRO A 78 4.34 23.65 -33.93
N ILE A 79 3.10 23.64 -34.44
CA ILE A 79 1.98 24.17 -33.68
C ILE A 79 1.62 23.24 -32.52
N PHE A 80 1.78 21.93 -32.71
CA PHE A 80 1.43 20.95 -31.69
C PHE A 80 2.62 20.66 -30.76
N LYS A 81 3.19 21.70 -30.18
CA LYS A 81 4.33 21.55 -29.28
C LYS A 81 3.90 21.41 -27.82
N GLY A 82 2.67 21.79 -27.48
CA GLY A 82 2.17 21.63 -26.13
C GLY A 82 2.04 20.19 -25.68
N ILE A 83 2.10 19.24 -26.61
CA ILE A 83 2.05 17.83 -26.25
C ILE A 83 3.23 17.45 -25.37
N GLY A 84 4.39 18.08 -25.59
CA GLY A 84 5.54 17.80 -24.75
C GLY A 84 5.32 18.25 -23.32
N TYR A 85 4.80 19.46 -23.12
CA TYR A 85 4.49 19.93 -21.78
C TYR A 85 3.40 19.09 -21.14
N ALA A 86 2.42 18.65 -21.93
CA ALA A 86 1.37 17.78 -21.41
C ALA A 86 1.95 16.46 -20.91
N ILE A 87 2.86 15.87 -21.69
CA ILE A 87 3.50 14.61 -21.29
C ILE A 87 4.35 14.83 -20.05
N CYS A 88 5.04 15.98 -19.97
CA CYS A 88 5.84 16.27 -18.79
C CYS A 88 4.98 16.38 -17.54
N ILE A 89 3.85 17.08 -17.63
CA ILE A 89 2.96 17.21 -16.48
C ILE A 89 2.34 15.87 -16.11
N ILE A 90 2.02 15.05 -17.12
CA ILE A 90 1.47 13.72 -16.86
C ILE A 90 2.48 12.86 -16.11
N ALA A 91 3.74 12.88 -16.56
CA ALA A 91 4.78 12.11 -15.88
C ALA A 91 5.06 12.65 -14.48
N PHE A 92 4.96 13.97 -14.31
CA PHE A 92 5.12 14.55 -12.98
C PHE A 92 4.04 14.05 -12.03
N TYR A 93 2.79 14.06 -12.48
CA TYR A 93 1.70 13.52 -11.67
C TYR A 93 1.91 12.04 -11.38
N ILE A 94 2.34 11.28 -12.39
CA ILE A 94 2.63 9.86 -12.19
C ILE A 94 3.64 9.68 -11.06
N ALA A 95 4.85 10.23 -11.24
CA ALA A 95 5.88 10.15 -10.22
C ALA A 95 5.43 10.71 -8.88
N SER A 96 4.43 11.60 -8.89
CA SER A 96 3.85 12.06 -7.62
C SER A 96 3.05 10.97 -6.95
N TYR A 97 2.32 10.16 -7.73
CA TYR A 97 1.50 9.10 -7.15
C TYR A 97 1.98 7.69 -7.49
N TYR A 98 3.07 7.54 -8.26
CA TYR A 98 3.61 6.22 -8.55
C TYR A 98 4.62 5.75 -7.52
N ASN A 99 5.33 6.68 -6.87
CA ASN A 99 6.33 6.30 -5.89
C ASN A 99 5.72 5.73 -4.61
N THR A 100 4.42 5.93 -4.40
CA THR A 100 3.78 5.41 -3.19
C THR A 100 3.76 3.89 -3.18
N ILE A 101 3.52 3.27 -4.34
CA ILE A 101 3.52 1.81 -4.42
C ILE A 101 4.90 1.25 -4.11
N MET A 102 5.94 1.88 -4.66
CA MET A 102 7.30 1.42 -4.40
C MET A 102 7.68 1.64 -2.93
N ALA A 103 7.23 2.74 -2.33
CA ALA A 103 7.47 2.97 -0.91
C ALA A 103 6.79 1.91 -0.06
N TRP A 104 5.55 1.56 -0.40
CA TRP A 104 4.85 0.50 0.34
C TRP A 104 5.55 -0.83 0.17
N ALA A 105 6.03 -1.13 -1.04
CA ALA A 105 6.72 -2.40 -1.27
C ALA A 105 8.02 -2.46 -0.48
N LEU A 106 8.78 -1.37 -0.44
CA LEU A 106 10.01 -1.35 0.33
C LEU A 106 9.75 -1.42 1.82
N TYR A 107 8.66 -0.80 2.29
CA TYR A 107 8.30 -0.92 3.70
C TYR A 107 7.93 -2.36 4.04
N TYR A 108 7.20 -3.03 3.14
CA TYR A 108 6.90 -4.46 3.34
C TYR A 108 8.17 -5.28 3.38
N LEU A 109 9.13 -4.97 2.50
CA LEU A 109 10.40 -5.68 2.48
C LEU A 109 11.16 -5.49 3.78
N ILE A 110 11.15 -4.25 4.31
CA ILE A 110 11.86 -3.98 5.57
C ILE A 110 11.17 -4.70 6.73
N SER A 111 9.83 -4.69 6.75
CA SER A 111 9.09 -5.34 7.83
C SER A 111 9.05 -6.85 7.71
N SER A 112 9.47 -7.42 6.58
CA SER A 112 9.47 -8.86 6.37
C SER A 112 10.82 -9.50 6.70
N PHE A 113 11.57 -8.93 7.64
CA PHE A 113 12.87 -9.47 8.02
C PHE A 113 12.83 -10.32 9.28
N THR A 114 11.78 -10.20 10.09
CA THR A 114 11.68 -10.97 11.31
C THR A 114 11.34 -12.43 11.00
N ASP A 115 11.53 -13.29 12.00
CA ASP A 115 11.22 -14.71 11.83
C ASP A 115 9.72 -14.94 11.72
N GLN A 116 8.93 -14.24 12.55
CA GLN A 116 7.47 -14.35 12.50
C GLN A 116 6.93 -13.32 11.54
N LEU A 117 6.14 -13.77 10.57
CA LEU A 117 5.58 -12.86 9.58
C LEU A 117 4.54 -11.95 10.22
N PRO A 118 4.62 -10.64 10.00
CA PRO A 118 3.63 -9.74 10.60
C PRO A 118 2.22 -9.93 10.07
N TRP A 119 2.06 -10.58 8.91
CA TRP A 119 0.73 -10.79 8.35
C TRP A 119 -0.04 -11.87 9.11
N THR A 120 0.66 -12.80 9.77
CA THR A 120 0.03 -13.87 10.52
C THR A 120 0.03 -13.59 12.03
N SER A 121 -0.07 -12.32 12.42
CA SER A 121 -0.06 -11.95 13.83
C SER A 121 -0.90 -10.70 14.02
N CYS A 122 -1.92 -10.81 14.87
CA CYS A 122 -2.79 -9.68 15.18
C CYS A 122 -3.04 -9.60 16.68
N LYS A 123 -2.04 -10.00 17.47
CA LYS A 123 -2.18 -10.07 18.92
C LYS A 123 -1.66 -8.77 19.55
N ASN A 124 -2.42 -7.70 19.33
CA ASN A 124 -2.12 -6.38 19.88
C ASN A 124 -0.72 -5.92 19.49
N SER A 125 -0.38 -6.06 18.21
CA SER A 125 0.94 -5.65 17.75
C SER A 125 0.98 -4.16 17.46
N TRP A 126 0.21 -3.69 16.49
CA TRP A 126 0.10 -2.26 16.20
C TRP A 126 -1.30 -1.73 16.42
N ASN A 127 -2.30 -2.27 15.72
CA ASN A 127 -3.69 -1.87 15.85
C ASN A 127 -4.58 -2.91 15.19
N THR A 128 -5.41 -3.61 15.96
CA THR A 128 -6.22 -4.69 15.44
C THR A 128 -7.61 -4.62 16.01
N GLY A 129 -8.62 -4.69 15.14
CA GLY A 129 -10.01 -4.72 15.56
C GLY A 129 -10.80 -5.78 14.82
N ASN A 130 -11.41 -6.69 15.57
CA ASN A 130 -12.18 -7.81 15.00
C ASN A 130 -11.32 -8.64 14.05
N CYS A 131 -10.26 -9.22 14.60
CA CYS A 131 -9.34 -10.02 13.81
C CYS A 131 -9.75 -11.48 13.79
N THR A 132 -9.18 -12.21 12.83
CA THR A 132 -9.44 -13.66 12.71
C THR A 132 -8.18 -14.28 12.10
N ASN A 133 -7.38 -14.93 12.95
CA ASN A 133 -6.12 -15.50 12.50
C ASN A 133 -6.34 -16.57 11.44
N TYR A 134 -7.03 -17.65 11.80
CA TYR A 134 -7.30 -18.75 10.89
C TYR A 134 -8.68 -18.59 10.28
N PHE A 135 -8.75 -18.72 8.95
CA PHE A 135 -10.02 -18.59 8.26
C PHE A 135 -10.93 -19.77 8.55
N SER A 136 -10.43 -20.99 8.30
CA SER A 136 -11.21 -22.20 8.57
C SER A 136 -10.35 -23.30 9.20
N GLU A 137 -9.19 -22.97 9.74
CA GLU A 137 -8.30 -23.96 10.32
C GLU A 137 -8.62 -24.28 11.77
N ASP A 138 -9.57 -23.57 12.39
CA ASP A 138 -9.93 -23.83 13.78
C ASP A 138 -11.44 -23.82 14.01
N ASN A 139 -12.24 -24.00 12.94
CA ASN A 139 -13.70 -24.05 13.03
C ASN A 139 -14.26 -22.78 13.66
N ILE A 140 -14.02 -21.66 12.97
CA ILE A 140 -14.49 -20.35 13.40
C ILE A 140 -15.53 -19.86 12.40
N THR A 141 -16.56 -19.18 12.90
CA THR A 141 -17.63 -18.66 12.06
C THR A 141 -17.27 -17.24 11.63
N TRP A 142 -17.02 -17.06 10.33
CA TRP A 142 -16.67 -15.75 9.78
C TRP A 142 -17.94 -14.93 9.65
N THR A 143 -18.21 -14.13 10.66
CA THR A 143 -19.39 -13.27 10.68
C THR A 143 -19.07 -11.96 9.96
N LEU A 144 -20.01 -11.01 10.00
CA LEU A 144 -19.81 -9.72 9.37
C LEU A 144 -18.92 -8.83 10.23
N HIS A 145 -18.51 -7.70 9.65
CA HIS A 145 -17.65 -6.71 10.32
C HIS A 145 -16.34 -7.34 10.78
N SER A 146 -15.82 -8.29 10.01
CA SER A 146 -14.56 -8.97 10.33
C SER A 146 -13.52 -8.66 9.25
N THR A 147 -12.31 -8.37 9.68
CA THR A 147 -11.22 -8.03 8.79
C THR A 147 -10.09 -9.05 8.93
N SER A 148 -9.43 -9.32 7.82
CA SER A 148 -8.32 -10.27 7.81
C SER A 148 -7.10 -9.68 8.51
N PRO A 149 -6.19 -10.52 9.00
CA PRO A 149 -4.98 -9.98 9.65
C PRO A 149 -4.11 -9.19 8.69
N ALA A 150 -3.97 -9.64 7.44
CA ALA A 150 -3.19 -8.88 6.47
C ALA A 150 -3.86 -7.55 6.15
N GLU A 151 -5.19 -7.54 6.10
CA GLU A 151 -5.92 -6.29 5.88
C GLU A 151 -5.67 -5.31 7.03
N GLU A 152 -5.75 -5.80 8.27
CA GLU A 152 -5.47 -4.95 9.42
C GLU A 152 -4.03 -4.44 9.41
N PHE A 153 -3.09 -5.29 9.00
CA PHE A 153 -1.71 -4.87 8.90
C PHE A 153 -1.55 -3.73 7.88
N TYR A 154 -2.07 -3.95 6.66
CA TYR A 154 -1.99 -2.90 5.65
C TYR A 154 -2.71 -1.63 6.07
N THR A 155 -3.75 -1.76 6.90
CA THR A 155 -4.55 -0.60 7.28
C THR A 155 -3.91 0.17 8.44
N ARG A 156 -3.12 -0.49 9.28
CA ARG A 156 -2.66 0.13 10.52
C ARG A 156 -1.15 0.24 10.68
N HIS A 157 -0.34 -0.38 9.81
CA HIS A 157 1.11 -0.35 9.98
C HIS A 157 1.82 0.41 8.87
N VAL A 158 1.60 0.02 7.60
CA VAL A 158 2.32 0.67 6.51
C VAL A 158 1.82 2.10 6.31
N LEU A 159 0.51 2.32 6.46
CA LEU A 159 -0.04 3.67 6.48
C LEU A 159 -1.18 3.70 7.48
N GLN A 160 -1.20 4.73 8.33
CA GLN A 160 -2.17 4.83 9.41
C GLN A 160 -3.36 5.66 8.94
N ILE A 161 -4.24 5.02 8.16
CA ILE A 161 -5.41 5.70 7.64
C ILE A 161 -6.45 6.00 8.72
N HIS A 162 -6.33 5.37 9.88
CA HIS A 162 -7.28 5.61 10.96
C HIS A 162 -7.16 7.02 11.53
N ARG A 163 -6.00 7.66 11.40
CA ARG A 163 -5.85 9.03 11.87
C ARG A 163 -6.58 10.04 10.99
N SER A 164 -6.86 9.68 9.74
CA SER A 164 -7.52 10.57 8.80
C SER A 164 -8.97 10.13 8.61
N LYS A 165 -9.90 11.08 8.79
CA LYS A 165 -11.32 10.80 8.62
C LYS A 165 -11.78 10.84 7.17
N GLY A 166 -10.88 11.06 6.23
CA GLY A 166 -11.24 11.12 4.84
C GLY A 166 -10.27 12.01 4.08
N LEU A 167 -10.68 12.35 2.85
CA LEU A 167 -9.84 13.21 2.01
C LEU A 167 -9.82 14.64 2.54
N GLN A 168 -10.90 15.10 3.17
CA GLN A 168 -10.96 16.45 3.71
C GLN A 168 -10.18 16.62 5.01
N ASP A 169 -9.68 15.53 5.59
CA ASP A 169 -8.91 15.58 6.83
C ASP A 169 -7.59 14.85 6.61
N LEU A 170 -6.53 15.62 6.37
CA LEU A 170 -5.19 15.09 6.15
C LEU A 170 -4.32 15.44 7.35
N GLY A 171 -3.82 14.42 8.04
CA GLY A 171 -3.00 14.63 9.22
C GLY A 171 -1.54 14.94 8.89
N GLY A 172 -0.63 14.43 9.72
CA GLY A 172 0.78 14.66 9.52
C GLY A 172 1.38 13.72 8.49
N ILE A 173 2.70 13.70 8.46
CA ILE A 173 3.46 12.87 7.53
C ILE A 173 4.13 11.75 8.32
N SER A 174 3.94 10.51 7.88
CA SER A 174 4.55 9.36 8.54
C SER A 174 6.04 9.33 8.23
N TRP A 175 6.86 9.32 9.27
CA TRP A 175 8.31 9.29 9.08
C TRP A 175 8.78 7.97 8.50
N GLN A 176 8.08 6.87 8.81
CA GLN A 176 8.47 5.56 8.29
C GLN A 176 8.36 5.50 6.77
N LEU A 177 7.46 6.28 6.18
CA LEU A 177 7.36 6.36 4.73
C LEU A 177 8.23 7.46 4.14
N ALA A 178 8.44 8.54 4.87
CA ALA A 178 9.30 9.61 4.38
C ALA A 178 10.76 9.16 4.29
N LEU A 179 11.26 8.52 5.34
CA LEU A 179 12.63 8.00 5.32
C LEU A 179 12.80 6.89 4.29
N CYS A 180 11.72 6.24 3.89
CA CYS A 180 11.79 5.21 2.85
C CYS A 180 11.81 5.84 1.45
N ILE A 181 10.94 6.82 1.21
CA ILE A 181 10.92 7.48 -0.08
C ILE A 181 12.18 8.31 -0.29
N MET A 182 12.81 8.77 0.79
CA MET A 182 14.09 9.46 0.65
C MET A 182 15.15 8.53 0.09
N LEU A 183 15.29 7.33 0.67
CA LEU A 183 16.25 6.37 0.15
C LEU A 183 15.87 5.91 -1.25
N ILE A 184 14.57 5.80 -1.54
CA ILE A 184 14.14 5.42 -2.88
C ILE A 184 14.60 6.46 -3.90
N PHE A 185 14.33 7.74 -3.63
CA PHE A 185 14.77 8.80 -4.53
C PHE A 185 16.28 8.89 -4.62
N THR A 186 16.99 8.58 -3.53
CA THR A 186 18.44 8.61 -3.55
C THR A 186 19.00 7.52 -4.44
N VAL A 187 18.47 6.29 -4.34
CA VAL A 187 18.94 5.20 -5.18
C VAL A 187 18.46 5.37 -6.62
N ILE A 188 17.38 6.12 -6.84
CA ILE A 188 16.94 6.39 -8.20
C ILE A 188 17.84 7.43 -8.86
N TYR A 189 18.19 8.49 -8.12
CA TYR A 189 19.05 9.53 -8.68
C TYR A 189 20.44 9.00 -9.02
N PHE A 190 20.92 8.00 -8.28
CA PHE A 190 22.23 7.43 -8.55
C PHE A 190 22.25 6.51 -9.76
N SER A 191 21.09 6.04 -10.20
CA SER A 191 21.02 5.19 -11.39
C SER A 191 20.85 5.99 -12.67
N ILE A 192 20.23 7.18 -12.59
CA ILE A 192 20.09 8.05 -13.74
C ILE A 192 21.12 9.18 -13.71
N TRP A 193 22.25 8.97 -13.03
CA TRP A 193 23.27 10.01 -12.94
C TRP A 193 23.83 10.35 -14.32
N LYS A 194 23.95 9.37 -15.19
CA LYS A 194 24.44 9.57 -16.55
C LYS A 194 23.41 9.22 -17.61
N GLY A 195 22.70 8.11 -17.45
CA GLY A 195 21.68 7.71 -18.40
C GLY A 195 22.18 6.83 -19.52
N VAL A 196 23.15 5.98 -19.21
CA VAL A 196 23.73 5.05 -20.19
C VAL A 196 23.40 3.65 -19.71
N LYS A 197 22.29 3.09 -20.18
CA LYS A 197 21.86 1.74 -19.82
C LYS A 197 21.27 1.09 -21.08
N THR A 198 22.11 0.37 -21.81
CA THR A 198 21.71 -0.31 -23.03
C THR A 198 21.87 -1.83 -22.95
N SER A 199 23.01 -2.31 -22.48
CA SER A 199 23.28 -3.74 -22.36
C SER A 199 23.88 -4.04 -21.00
N GLY A 200 23.26 -3.52 -19.94
CA GLY A 200 23.82 -3.65 -18.62
C GLY A 200 23.80 -5.08 -18.11
N LYS A 201 24.76 -5.39 -17.24
CA LYS A 201 24.83 -6.72 -16.63
C LYS A 201 23.78 -6.89 -15.54
N VAL A 202 23.45 -5.80 -14.82
CA VAL A 202 22.49 -5.90 -13.73
C VAL A 202 21.10 -6.24 -14.26
N VAL A 203 20.74 -5.72 -15.44
CA VAL A 203 19.42 -5.98 -15.98
C VAL A 203 19.28 -7.44 -16.38
N TRP A 204 20.31 -8.00 -17.01
CA TRP A 204 20.24 -9.38 -17.48
C TRP A 204 20.15 -10.38 -16.34
N VAL A 205 20.66 -10.03 -15.16
CA VAL A 205 20.57 -10.93 -14.02
C VAL A 205 19.31 -10.66 -13.19
N THR A 206 18.82 -9.42 -13.16
CA THR A 206 17.60 -9.10 -12.43
C THR A 206 16.34 -9.42 -13.22
N ALA A 207 16.45 -9.72 -14.52
CA ALA A 207 15.30 -10.12 -15.32
C ALA A 207 15.20 -11.63 -15.47
N THR A 208 15.71 -12.40 -14.50
CA THR A 208 15.66 -13.85 -14.55
C THR A 208 14.82 -14.44 -13.43
N PHE A 209 15.12 -14.13 -12.17
CA PHE A 209 14.39 -14.69 -11.04
C PHE A 209 12.93 -14.21 -10.93
N PRO A 210 12.56 -13.03 -11.45
CA PRO A 210 11.12 -12.72 -11.50
C PRO A 210 10.28 -13.78 -12.20
N TYR A 211 10.77 -14.35 -13.30
CA TYR A 211 10.01 -15.37 -14.01
C TYR A 211 9.78 -16.60 -13.14
N ILE A 212 10.84 -17.10 -12.50
CA ILE A 212 10.71 -18.31 -11.71
C ILE A 212 9.90 -18.06 -10.44
N ILE A 213 9.99 -16.85 -9.88
CA ILE A 213 9.20 -16.57 -8.68
C ILE A 213 7.72 -16.43 -9.05
N LEU A 214 7.42 -15.84 -10.21
CA LEU A 214 6.03 -15.80 -10.67
C LEU A 214 5.52 -17.21 -10.95
N SER A 215 6.37 -18.08 -11.50
CA SER A 215 5.96 -19.45 -11.78
C SER A 215 5.66 -20.20 -10.49
N VAL A 216 6.52 -20.07 -9.49
CA VAL A 216 6.29 -20.81 -8.25
C VAL A 216 5.10 -20.23 -7.48
N LEU A 217 4.88 -18.91 -7.57
CA LEU A 217 3.69 -18.34 -6.95
C LEU A 217 2.42 -18.82 -7.64
N LEU A 218 2.43 -18.91 -8.97
CA LEU A 218 1.29 -19.46 -9.69
C LEU A 218 1.04 -20.91 -9.32
N VAL A 219 2.11 -21.69 -9.16
CA VAL A 219 1.96 -23.09 -8.76
C VAL A 219 1.36 -23.19 -7.37
N ARG A 220 1.85 -22.36 -6.43
CA ARG A 220 1.32 -22.39 -5.07
C ARG A 220 -0.14 -21.96 -5.05
N GLY A 221 -0.51 -20.99 -5.88
CA GLY A 221 -1.90 -20.60 -5.96
C GLY A 221 -2.79 -21.65 -6.59
N ALA A 222 -2.25 -22.40 -7.56
CA ALA A 222 -3.03 -23.46 -8.20
C ALA A 222 -3.25 -24.63 -7.25
N THR A 223 -2.21 -25.01 -6.50
CA THR A 223 -2.32 -26.11 -5.54
C THR A 223 -2.87 -25.65 -4.19
N LEU A 224 -3.51 -24.49 -4.12
CA LEU A 224 -4.10 -24.02 -2.88
C LEU A 224 -5.50 -24.60 -2.72
N PRO A 225 -5.85 -25.09 -1.52
CA PRO A 225 -7.19 -25.67 -1.33
C PRO A 225 -8.28 -24.61 -1.46
N GLY A 226 -9.35 -24.98 -2.16
CA GLY A 226 -10.47 -24.09 -2.34
C GLY A 226 -10.19 -22.89 -3.23
N ALA A 227 -9.25 -23.02 -4.15
CA ALA A 227 -8.87 -21.94 -5.05
C ALA A 227 -9.52 -22.03 -6.41
N TRP A 228 -10.42 -22.99 -6.63
CA TRP A 228 -11.09 -23.15 -7.91
C TRP A 228 -12.28 -22.21 -8.09
N ARG A 229 -12.69 -21.49 -7.04
CA ARG A 229 -13.82 -20.58 -7.14
C ARG A 229 -13.45 -19.24 -7.77
N GLY A 230 -12.16 -18.98 -8.01
CA GLY A 230 -11.74 -17.74 -8.62
C GLY A 230 -11.47 -17.88 -10.10
N VAL A 231 -11.27 -19.11 -10.57
CA VAL A 231 -11.01 -19.34 -11.98
C VAL A 231 -12.30 -19.21 -12.79
N LEU A 232 -13.43 -19.67 -12.25
CA LEU A 232 -14.69 -19.56 -12.96
C LEU A 232 -15.13 -18.10 -13.10
N PHE A 233 -14.91 -17.30 -12.06
CA PHE A 233 -15.26 -15.89 -12.13
C PHE A 233 -14.31 -15.11 -13.04
N TYR A 234 -13.09 -15.62 -13.26
CA TYR A 234 -12.13 -14.96 -14.13
C TYR A 234 -12.35 -15.27 -15.60
N LEU A 235 -13.11 -16.32 -15.91
CA LEU A 235 -13.37 -16.74 -17.29
C LEU A 235 -14.87 -16.86 -17.53
N LYS A 236 -15.62 -15.84 -17.09
CA LYS A 236 -17.06 -15.81 -17.29
C LYS A 236 -17.42 -14.79 -18.35
N PRO A 237 -18.28 -15.14 -19.32
CA PRO A 237 -18.63 -14.19 -20.38
C PRO A 237 -19.25 -12.91 -19.85
N ASN A 238 -20.36 -13.03 -19.12
CA ASN A 238 -21.00 -11.90 -18.44
C ASN A 238 -21.34 -10.78 -19.43
N TRP A 239 -22.23 -11.11 -20.37
CA TRP A 239 -22.63 -10.15 -21.40
C TRP A 239 -23.63 -9.11 -20.91
N GLN A 240 -24.22 -9.30 -19.72
CA GLN A 240 -25.29 -8.41 -19.28
C GLN A 240 -24.76 -7.03 -18.91
N LYS A 241 -23.53 -6.94 -18.40
CA LYS A 241 -22.96 -5.67 -17.96
C LYS A 241 -21.87 -5.17 -18.93
N LEU A 242 -22.03 -5.44 -20.22
CA LEU A 242 -21.07 -4.99 -21.22
C LEU A 242 -21.69 -4.16 -22.32
N LEU A 243 -22.99 -3.85 -22.24
CA LEU A 243 -23.65 -3.09 -23.29
C LEU A 243 -23.43 -1.59 -23.11
N GLU A 244 -23.91 -1.04 -22.00
CA GLU A 244 -23.82 0.40 -21.75
C GLU A 244 -23.40 0.66 -20.31
N THR A 245 -22.39 -0.08 -19.83
CA THR A 245 -21.93 0.06 -18.45
C THR A 245 -20.65 0.88 -18.33
N GLY A 246 -19.97 1.16 -19.44
CA GLY A 246 -18.74 1.94 -19.40
C GLY A 246 -17.55 1.15 -18.94
N VAL A 247 -17.32 0.00 -19.58
CA VAL A 247 -16.19 -0.86 -19.22
C VAL A 247 -14.97 -0.59 -20.09
N TRP A 248 -15.17 -0.17 -21.34
CA TRP A 248 -14.06 0.02 -22.27
C TRP A 248 -13.11 1.12 -21.83
N ILE A 249 -13.57 2.09 -21.05
CA ILE A 249 -12.70 3.19 -20.65
C ILE A 249 -11.63 2.69 -19.68
N ASP A 250 -11.98 1.76 -18.79
CA ASP A 250 -11.00 1.21 -17.87
C ASP A 250 -9.97 0.36 -18.61
N ALA A 251 -10.43 -0.44 -19.58
CA ALA A 251 -9.50 -1.22 -20.39
C ALA A 251 -8.57 -0.32 -21.19
N ALA A 252 -9.11 0.79 -21.71
CA ALA A 252 -8.28 1.74 -22.43
C ALA A 252 -7.21 2.35 -21.53
N ALA A 253 -7.61 2.81 -20.34
CA ALA A 253 -6.64 3.36 -19.39
C ALA A 253 -5.58 2.33 -19.04
N GLN A 254 -5.99 1.08 -18.80
CA GLN A 254 -5.04 0.04 -18.43
C GLN A 254 -4.06 -0.25 -19.56
N ILE A 255 -4.55 -0.37 -20.79
CA ILE A 255 -3.68 -0.72 -21.91
C ILE A 255 -2.78 0.46 -22.26
N PHE A 256 -3.21 1.69 -21.97
CA PHE A 256 -2.36 2.84 -22.24
C PHE A 256 -1.30 3.01 -21.16
N PHE A 257 -1.62 2.62 -19.91
CA PHE A 257 -0.63 2.70 -18.84
C PHE A 257 0.38 1.57 -18.95
N SER A 258 -0.05 0.38 -19.39
CA SER A 258 0.84 -0.77 -19.39
C SER A 258 1.73 -0.80 -20.63
N LEU A 259 1.17 -0.51 -21.80
CA LEU A 259 1.94 -0.64 -23.04
C LEU A 259 3.06 0.38 -23.12
N GLY A 260 2.74 1.65 -22.84
CA GLY A 260 3.74 2.71 -22.95
C GLY A 260 3.37 3.89 -23.81
N PRO A 261 2.74 3.67 -24.98
CA PRO A 261 2.29 4.81 -25.78
C PRO A 261 1.34 5.72 -25.01
N GLY A 262 1.56 7.02 -25.15
CA GLY A 262 0.81 8.02 -24.42
C GLY A 262 1.53 8.59 -23.21
N PHE A 263 2.76 8.14 -22.95
CA PHE A 263 3.52 8.64 -21.81
C PHE A 263 4.90 9.18 -22.18
N GLY A 264 5.31 9.09 -23.43
CA GLY A 264 6.63 9.56 -23.82
C GLY A 264 7.76 8.62 -23.46
N VAL A 265 7.46 7.40 -23.03
CA VAL A 265 8.50 6.45 -22.67
C VAL A 265 9.01 5.65 -23.86
N LEU A 266 8.22 5.53 -24.93
CA LEU A 266 8.66 4.79 -26.11
C LEU A 266 9.56 5.65 -27.00
N LEU A 267 9.27 6.94 -27.09
CA LEU A 267 10.07 7.82 -27.94
C LEU A 267 11.47 8.00 -27.40
N ALA A 268 11.61 8.15 -26.09
CA ALA A 268 12.93 8.34 -25.49
C ALA A 268 13.79 7.09 -25.64
N PHE A 269 13.18 5.91 -25.65
CA PHE A 269 13.91 4.66 -25.83
C PHE A 269 14.15 4.31 -27.28
N ALA A 270 13.33 4.82 -28.20
CA ALA A 270 13.52 4.59 -29.63
C ALA A 270 14.42 5.63 -30.28
N SER A 271 14.64 6.77 -29.61
CA SER A 271 15.55 7.78 -30.16
C SER A 271 16.96 7.25 -30.31
N TYR A 272 17.37 6.30 -29.47
CA TYR A 272 18.70 5.70 -29.54
C TYR A 272 18.59 4.23 -29.19
N ASN A 273 19.75 3.56 -29.11
CA ASN A 273 19.91 2.16 -28.76
C ASN A 273 19.32 1.22 -29.80
N LYS A 274 18.70 1.73 -30.85
CA LYS A 274 18.10 0.88 -31.88
C LYS A 274 17.99 1.68 -33.17
N PHE A 275 18.48 1.10 -34.26
CA PHE A 275 18.40 1.75 -35.57
C PHE A 275 18.38 0.65 -36.63
N ASN A 276 17.18 0.31 -37.10
CA ASN A 276 16.98 -0.76 -38.09
C ASN A 276 17.56 -2.08 -37.59
N ASN A 277 16.97 -2.58 -36.50
CA ASN A 277 17.33 -3.88 -35.94
C ASN A 277 16.06 -4.71 -35.77
N ASN A 278 15.63 -5.33 -36.87
CA ASN A 278 14.44 -6.19 -36.90
C ASN A 278 13.22 -5.48 -36.30
N CYS A 279 12.80 -4.42 -36.98
CA CYS A 279 11.60 -3.70 -36.57
C CYS A 279 10.36 -4.48 -37.02
N TYR A 280 9.19 -3.95 -36.64
CA TYR A 280 7.87 -4.50 -36.95
C TYR A 280 7.60 -5.82 -36.25
N GLN A 281 8.56 -6.37 -35.51
CA GLN A 281 8.36 -7.63 -34.79
C GLN A 281 8.70 -7.45 -33.31
N ASP A 282 9.59 -6.51 -33.01
CA ASP A 282 9.95 -6.26 -31.61
C ASP A 282 8.76 -5.71 -30.85
N ALA A 283 8.02 -4.77 -31.43
CA ALA A 283 6.82 -4.26 -30.78
C ALA A 283 5.78 -5.35 -30.60
N LEU A 284 5.64 -6.24 -31.59
CA LEU A 284 4.68 -7.33 -31.50
C LEU A 284 5.02 -8.26 -30.35
N VAL A 285 6.28 -8.70 -30.27
CA VAL A 285 6.66 -9.63 -29.21
C VAL A 285 6.61 -8.95 -27.85
N THR A 286 6.92 -7.65 -27.79
CA THR A 286 6.82 -6.92 -26.53
C THR A 286 5.37 -6.86 -26.05
N SER A 287 4.45 -6.52 -26.95
CA SER A 287 3.03 -6.51 -26.58
C SER A 287 2.55 -7.89 -26.19
N VAL A 288 3.04 -8.92 -26.87
CA VAL A 288 2.62 -10.30 -26.56
C VAL A 288 3.07 -10.69 -25.17
N VAL A 289 4.33 -10.45 -24.84
CA VAL A 289 4.83 -10.84 -23.51
C VAL A 289 4.19 -9.98 -22.43
N ASN A 290 3.89 -8.70 -22.73
CA ASN A 290 3.21 -7.86 -21.76
C ASN A 290 1.80 -8.37 -21.48
N CYS A 291 1.06 -8.74 -22.53
CA CYS A 291 -0.29 -9.28 -22.35
C CYS A 291 -0.25 -10.61 -21.60
N MET A 292 0.76 -11.44 -21.90
CA MET A 292 0.87 -12.71 -21.20
C MET A 292 1.17 -12.51 -19.71
N THR A 293 2.08 -11.59 -19.39
CA THR A 293 2.38 -11.31 -17.98
C THR A 293 1.17 -10.74 -17.27
N SER A 294 0.43 -9.84 -17.93
CA SER A 294 -0.78 -9.27 -17.33
C SER A 294 -1.83 -10.35 -17.09
N PHE A 295 -1.99 -11.27 -18.05
CA PHE A 295 -2.97 -12.34 -17.88
C PHE A 295 -2.56 -13.28 -16.75
N VAL A 296 -1.27 -13.59 -16.63
CA VAL A 296 -0.81 -14.46 -15.55
C VAL A 296 -1.02 -13.79 -14.20
N SER A 297 -0.71 -12.49 -14.11
CA SER A 297 -0.91 -11.77 -12.87
C SER A 297 -2.38 -11.72 -12.48
N GLY A 298 -3.26 -11.42 -13.45
CA GLY A 298 -4.69 -11.41 -13.17
C GLY A 298 -5.21 -12.77 -12.75
N PHE A 299 -4.71 -13.83 -13.40
CA PHE A 299 -5.12 -15.18 -13.03
C PHE A 299 -4.70 -15.53 -11.61
N VAL A 300 -3.46 -15.19 -11.24
CA VAL A 300 -3.01 -15.45 -9.87
C VAL A 300 -3.84 -14.66 -8.87
N ILE A 301 -4.11 -13.39 -9.17
CA ILE A 301 -4.88 -12.55 -8.25
C ILE A 301 -6.29 -13.10 -8.07
N PHE A 302 -6.94 -13.48 -9.18
CA PHE A 302 -8.29 -14.02 -9.08
C PHE A 302 -8.32 -15.38 -8.41
N THR A 303 -7.26 -16.18 -8.57
CA THR A 303 -7.19 -17.46 -7.88
C THR A 303 -7.08 -17.25 -6.37
N VAL A 304 -6.23 -16.31 -5.94
CA VAL A 304 -6.13 -16.01 -4.52
C VAL A 304 -7.44 -15.42 -3.99
N LEU A 305 -8.12 -14.62 -4.82
CA LEU A 305 -9.39 -14.05 -4.41
C LEU A 305 -10.45 -15.14 -4.23
N GLY A 306 -10.50 -16.10 -5.15
CA GLY A 306 -11.43 -17.21 -4.99
C GLY A 306 -11.10 -18.08 -3.79
N TYR A 307 -9.79 -18.26 -3.51
CA TYR A 307 -9.40 -18.99 -2.31
C TYR A 307 -9.88 -18.28 -1.06
N MET A 308 -9.69 -16.96 -0.98
CA MET A 308 -10.16 -16.21 0.17
C MET A 308 -11.67 -16.21 0.28
N ALA A 309 -12.37 -16.22 -0.86
CA ALA A 309 -13.82 -16.29 -0.83
C ALA A 309 -14.31 -17.64 -0.32
N GLU A 310 -13.68 -18.72 -0.75
CA GLU A 310 -14.03 -20.04 -0.23
C GLU A 310 -13.68 -20.18 1.24
N MET A 311 -12.62 -19.48 1.69
CA MET A 311 -12.26 -19.52 3.10
C MET A 311 -13.22 -18.69 3.95
N ARG A 312 -13.61 -17.51 3.46
CA ARG A 312 -14.50 -16.63 4.21
C ARG A 312 -15.98 -17.00 4.01
N ASN A 313 -16.28 -17.95 3.13
CA ASN A 313 -17.67 -18.33 2.82
C ASN A 313 -18.47 -17.13 2.35
N GLU A 314 -18.04 -16.52 1.25
CA GLU A 314 -18.68 -15.35 0.68
C GLU A 314 -18.46 -15.34 -0.82
N ASP A 315 -19.09 -14.39 -1.49
CA ASP A 315 -18.94 -14.26 -2.93
C ASP A 315 -17.51 -13.84 -3.30
N VAL A 316 -17.11 -14.18 -4.52
CA VAL A 316 -15.76 -13.84 -4.97
C VAL A 316 -15.61 -12.34 -5.17
N SER A 317 -16.65 -11.70 -5.72
CA SER A 317 -16.63 -10.26 -5.95
C SER A 317 -16.96 -9.45 -4.72
N GLU A 318 -17.21 -10.09 -3.58
CA GLU A 318 -17.57 -9.38 -2.36
C GLU A 318 -16.50 -9.46 -1.28
N VAL A 319 -15.36 -10.11 -1.57
CA VAL A 319 -14.27 -10.15 -0.61
C VAL A 319 -13.68 -8.75 -0.42
N ALA A 320 -13.21 -8.16 -1.51
CA ALA A 320 -12.73 -6.77 -1.51
C ALA A 320 -13.90 -5.89 -1.95
N LYS A 321 -14.56 -5.28 -0.98
CA LYS A 321 -15.76 -4.50 -1.26
C LYS A 321 -15.44 -3.32 -2.17
N ASP A 322 -14.61 -2.39 -1.69
CA ASP A 322 -14.23 -1.19 -2.44
C ASP A 322 -12.74 -0.97 -2.36
N ALA A 323 -11.96 -2.04 -2.56
CA ALA A 323 -10.51 -1.94 -2.50
C ALA A 323 -9.95 -1.49 -3.84
N GLY A 324 -9.11 -0.47 -3.82
CA GLY A 324 -8.48 0.05 -5.01
C GLY A 324 -7.10 -0.54 -5.22
N PRO A 325 -6.07 0.28 -5.04
CA PRO A 325 -4.70 -0.21 -5.20
C PRO A 325 -4.25 -1.08 -4.02
N SER A 326 -5.16 -1.36 -3.11
CA SER A 326 -4.88 -2.16 -1.92
C SER A 326 -5.11 -3.65 -2.14
N LEU A 327 -5.56 -4.05 -3.34
CA LEU A 327 -5.83 -5.46 -3.58
C LEU A 327 -4.56 -6.27 -3.73
N LEU A 328 -3.45 -5.63 -4.09
CA LEU A 328 -2.20 -6.36 -4.31
C LEU A 328 -1.64 -6.90 -3.01
N PHE A 329 -1.32 -6.01 -2.08
CA PHE A 329 -0.66 -6.29 -0.80
C PHE A 329 -1.56 -7.01 0.18
N ILE A 330 -2.78 -7.38 -0.20
CA ILE A 330 -3.64 -8.22 0.63
C ILE A 330 -3.70 -9.64 0.10
N THR A 331 -4.07 -9.81 -1.16
CA THR A 331 -4.11 -11.15 -1.75
C THR A 331 -2.72 -11.78 -1.79
N TYR A 332 -1.71 -11.01 -2.23
CA TYR A 332 -0.36 -11.56 -2.23
C TYR A 332 0.15 -11.82 -0.83
N ALA A 333 -0.27 -11.01 0.15
CA ALA A 333 0.13 -11.26 1.54
C ALA A 333 -0.44 -12.58 2.05
N GLU A 334 -1.74 -12.80 1.84
CA GLU A 334 -2.34 -14.06 2.27
C GLU A 334 -1.84 -15.24 1.46
N ALA A 335 -1.36 -15.00 0.23
CA ALA A 335 -0.80 -16.09 -0.56
C ALA A 335 0.58 -16.49 -0.05
N ILE A 336 1.42 -15.50 0.27
CA ILE A 336 2.75 -15.81 0.80
C ILE A 336 2.66 -16.36 2.22
N ALA A 337 1.65 -15.93 2.98
CA ALA A 337 1.49 -16.38 4.36
C ALA A 337 1.15 -17.86 4.48
N ASN A 338 0.83 -18.53 3.37
CA ASN A 338 0.48 -19.94 3.36
C ASN A 338 1.52 -20.77 2.61
N MET A 339 2.79 -20.47 2.80
CA MET A 339 3.88 -21.17 2.14
C MET A 339 4.87 -21.72 3.18
N PRO A 340 5.51 -22.85 2.89
CA PRO A 340 6.49 -23.41 3.83
C PRO A 340 7.64 -22.44 4.11
N ALA A 341 8.32 -22.01 3.06
CA ALA A 341 9.40 -21.03 3.19
C ALA A 341 8.80 -19.64 3.03
N SER A 342 8.13 -19.18 4.10
CA SER A 342 7.41 -17.91 4.04
C SER A 342 8.37 -16.73 3.96
N THR A 343 9.40 -16.72 4.81
CA THR A 343 10.30 -15.58 4.86
C THR A 343 11.12 -15.44 3.58
N PHE A 344 11.66 -16.56 3.09
CA PHE A 344 12.49 -16.51 1.89
C PHE A 344 11.69 -16.10 0.67
N PHE A 345 10.53 -16.73 0.47
CA PHE A 345 9.68 -16.37 -0.66
C PHE A 345 9.20 -14.93 -0.55
N ALA A 346 8.89 -14.48 0.67
CA ALA A 346 8.44 -13.10 0.87
C ALA A 346 9.53 -12.10 0.51
N ILE A 347 10.75 -12.34 0.99
CA ILE A 347 11.84 -11.39 0.71
C ILE A 347 12.20 -11.42 -0.77
N ILE A 348 12.13 -12.59 -1.40
CA ILE A 348 12.45 -12.67 -2.83
C ILE A 348 11.39 -11.93 -3.65
N PHE A 349 10.11 -12.10 -3.29
CA PHE A 349 9.05 -11.40 -4.01
C PHE A 349 9.15 -9.89 -3.81
N PHE A 350 9.46 -9.46 -2.59
CA PHE A 350 9.60 -8.03 -2.34
C PHE A 350 10.80 -7.45 -3.10
N LEU A 351 11.89 -8.22 -3.17
CA LEU A 351 13.07 -7.75 -3.91
C LEU A 351 12.77 -7.63 -5.41
N MET A 352 12.11 -8.64 -5.99
CA MET A 352 11.79 -8.57 -7.41
C MET A 352 10.79 -7.47 -7.70
N LEU A 353 9.83 -7.24 -6.79
CA LEU A 353 8.88 -6.14 -6.98
C LEU A 353 9.58 -4.79 -6.90
N ILE A 354 10.52 -4.65 -5.97
CA ILE A 354 11.27 -3.39 -5.86
C ILE A 354 12.10 -3.15 -7.12
N THR A 355 12.76 -4.20 -7.61
CA THR A 355 13.57 -4.04 -8.82
C THR A 355 12.70 -3.71 -10.03
N LEU A 356 11.52 -4.33 -10.13
CA LEU A 356 10.62 -4.03 -11.23
C LEU A 356 10.11 -2.60 -11.16
N GLY A 357 9.75 -2.13 -9.95
CA GLY A 357 9.33 -0.75 -9.79
C GLY A 357 10.43 0.23 -10.12
N LEU A 358 11.67 -0.08 -9.73
CA LEU A 358 12.79 0.80 -10.05
C LEU A 358 13.03 0.85 -11.57
N ASP A 359 12.98 -0.31 -12.23
CA ASP A 359 13.14 -0.33 -13.68
C ASP A 359 12.02 0.40 -14.39
N SER A 360 10.81 0.35 -13.84
CA SER A 360 9.70 1.09 -14.44
C SER A 360 9.87 2.59 -14.24
N THR A 361 10.38 2.99 -13.07
CA THR A 361 10.58 4.40 -12.80
C THR A 361 11.71 4.98 -13.65
N PHE A 362 12.78 4.21 -13.86
CA PHE A 362 13.88 4.68 -14.68
C PHE A 362 13.45 4.90 -16.12
N ALA A 363 12.43 4.18 -16.58
CA ALA A 363 11.93 4.37 -17.94
C ALA A 363 11.04 5.60 -18.04
N GLY A 364 10.29 5.91 -16.98
CA GLY A 364 9.42 7.07 -17.03
C GLY A 364 10.18 8.39 -16.96
N LEU A 365 11.21 8.45 -16.12
CA LEU A 365 11.99 9.68 -16.01
C LEU A 365 12.85 9.92 -17.25
N GLU A 366 13.19 8.85 -17.98
CA GLU A 366 13.97 9.02 -19.20
C GLU A 366 13.17 9.71 -20.30
N GLY A 367 11.84 9.57 -20.28
CA GLY A 367 11.01 10.25 -21.24
C GLY A 367 10.89 11.75 -21.02
N VAL A 368 11.34 12.25 -19.87
CA VAL A 368 11.31 13.67 -19.59
C VAL A 368 12.70 14.27 -19.48
N ILE A 369 13.70 13.50 -19.05
CA ILE A 369 15.06 14.04 -18.92
C ILE A 369 15.65 14.32 -20.29
N THR A 370 15.72 13.30 -21.15
CA THR A 370 16.33 13.44 -22.46
C THR A 370 15.44 14.18 -23.45
N ALA A 371 14.19 14.49 -23.09
CA ALA A 371 13.28 15.16 -24.00
C ALA A 371 13.56 16.66 -24.05
N VAL A 372 13.67 17.31 -22.88
CA VAL A 372 13.84 18.75 -22.83
C VAL A 372 15.26 19.19 -23.19
N LEU A 373 16.19 18.25 -23.34
CA LEU A 373 17.57 18.60 -23.67
C LEU A 373 17.76 18.95 -25.14
N ASP A 374 16.74 18.74 -25.98
CA ASP A 374 16.87 19.07 -27.39
C ASP A 374 16.58 20.54 -27.65
N GLU A 375 15.56 21.10 -27.00
CA GLU A 375 15.24 22.51 -27.15
C GLU A 375 16.22 23.41 -26.42
N PHE A 376 16.91 22.90 -25.40
CA PHE A 376 17.91 23.66 -24.65
C PHE A 376 19.19 22.82 -24.53
N PRO A 377 19.94 22.69 -25.63
CA PRO A 377 21.14 21.86 -25.61
C PRO A 377 22.41 22.55 -25.10
N HIS A 378 22.31 23.80 -24.66
CA HIS A 378 23.47 24.56 -24.21
C HIS A 378 23.41 25.00 -22.75
N VAL A 379 22.28 24.82 -22.07
CA VAL A 379 22.15 25.29 -20.70
C VAL A 379 21.83 24.12 -19.79
N TRP A 380 21.20 23.07 -20.34
CA TRP A 380 20.80 21.91 -19.55
C TRP A 380 21.40 20.60 -20.02
N ALA A 381 21.79 20.48 -21.29
CA ALA A 381 22.30 19.20 -21.78
C ALA A 381 23.73 18.96 -21.31
N LYS A 382 24.58 19.98 -21.37
CA LYS A 382 25.97 19.81 -20.95
C LYS A 382 26.10 19.61 -19.45
N ARG A 383 25.15 20.15 -18.67
CA ARG A 383 25.24 20.04 -17.22
C ARG A 383 25.05 18.61 -16.74
N ARG A 384 23.88 18.02 -17.02
CA ARG A 384 23.51 16.66 -16.68
C ARG A 384 23.38 16.44 -15.17
N GLU A 385 23.66 17.46 -14.36
CA GLU A 385 23.59 17.35 -12.91
C GLU A 385 22.59 18.31 -12.27
N ARG A 386 22.52 19.55 -12.76
CA ARG A 386 21.64 20.55 -12.16
C ARG A 386 20.19 20.38 -12.55
N PHE A 387 19.87 19.49 -13.47
CA PHE A 387 18.49 19.24 -13.89
C PHE A 387 17.93 17.94 -13.35
N VAL A 388 18.75 16.89 -13.25
CA VAL A 388 18.27 15.62 -12.70
C VAL A 388 17.90 15.78 -11.23
N LEU A 389 18.80 16.39 -10.45
CA LEU A 389 18.50 16.64 -9.03
C LEU A 389 17.33 17.60 -8.89
N ALA A 390 17.21 18.56 -9.81
CA ALA A 390 16.10 19.51 -9.76
C ALA A 390 14.76 18.80 -9.96
N VAL A 391 14.68 17.94 -10.98
CA VAL A 391 13.43 17.24 -11.22
C VAL A 391 13.16 16.21 -10.13
N VAL A 392 14.22 15.65 -9.53
CA VAL A 392 14.02 14.73 -8.40
C VAL A 392 13.42 15.46 -7.21
N ILE A 393 13.95 16.64 -6.89
CA ILE A 393 13.40 17.43 -5.78
C ILE A 393 11.98 17.87 -6.09
N THR A 394 11.71 18.21 -7.37
CA THR A 394 10.36 18.61 -7.74
C THR A 394 9.38 17.46 -7.58
N CYS A 395 9.77 16.25 -8.00
CA CYS A 395 8.89 15.10 -7.85
C CYS A 395 8.74 14.68 -6.39
N PHE A 396 9.76 14.93 -5.57
CA PHE A 396 9.65 14.61 -4.15
C PHE A 396 8.73 15.59 -3.43
N PHE A 397 8.81 16.88 -3.78
CA PHE A 397 7.91 17.86 -3.18
C PHE A 397 6.47 17.62 -3.60
N GLY A 398 6.25 17.11 -4.81
CA GLY A 398 4.90 16.77 -5.24
C GLY A 398 4.38 15.47 -4.70
N SER A 399 5.28 14.55 -4.34
CA SER A 399 4.91 13.26 -3.76
C SER A 399 4.93 13.29 -2.23
N LEU A 400 4.79 14.45 -1.62
CA LEU A 400 4.76 14.59 -0.18
C LEU A 400 3.35 14.60 0.39
N VAL A 401 2.37 15.05 -0.39
CA VAL A 401 0.99 15.05 0.09
C VAL A 401 0.41 13.64 0.09
N THR A 402 0.92 12.75 -0.76
CA THR A 402 0.48 11.37 -0.78
C THR A 402 1.05 10.54 0.35
N LEU A 403 2.08 11.04 1.05
CA LEU A 403 2.65 10.38 2.20
C LEU A 403 1.89 10.67 3.49
N THR A 404 0.76 11.38 3.41
CA THR A 404 -0.05 11.68 4.56
C THR A 404 -0.67 10.39 5.11
N PHE A 405 -1.17 10.46 6.35
CA PHE A 405 -1.82 9.32 6.97
C PHE A 405 -2.97 8.80 6.09
N GLY A 406 -3.67 9.71 5.42
CA GLY A 406 -4.69 9.32 4.46
C GLY A 406 -4.12 9.19 3.06
N GLY A 407 -3.02 8.44 2.94
CA GLY A 407 -2.37 8.31 1.65
C GLY A 407 -3.22 7.58 0.63
N ALA A 408 -3.99 6.58 1.07
CA ALA A 408 -4.85 5.84 0.16
C ALA A 408 -5.95 6.71 -0.42
N TYR A 409 -6.32 7.81 0.26
CA TYR A 409 -7.31 8.72 -0.28
C TYR A 409 -6.77 9.53 -1.43
N VAL A 410 -5.46 9.80 -1.44
CA VAL A 410 -4.85 10.59 -2.50
C VAL A 410 -4.42 9.72 -3.68
N VAL A 411 -3.95 8.49 -3.42
CA VAL A 411 -3.54 7.61 -4.50
C VAL A 411 -4.73 7.24 -5.37
N LYS A 412 -5.87 6.93 -4.74
CA LYS A 412 -7.07 6.60 -5.52
C LYS A 412 -7.59 7.79 -6.30
N LEU A 413 -7.35 9.01 -5.81
CA LEU A 413 -7.80 10.20 -6.51
C LEU A 413 -6.92 10.51 -7.72
N LEU A 414 -5.60 10.39 -7.56
CA LEU A 414 -4.66 10.64 -8.64
C LEU A 414 -4.50 9.45 -9.58
N GLU A 415 -5.38 8.45 -9.47
CA GLU A 415 -5.29 7.25 -10.30
C GLU A 415 -6.19 7.30 -11.53
N GLU A 416 -7.41 7.81 -11.39
CA GLU A 416 -8.37 7.81 -12.49
C GLU A 416 -8.52 9.18 -13.15
N TYR A 417 -7.90 10.23 -12.60
CA TYR A 417 -8.01 11.57 -13.14
C TYR A 417 -6.71 12.10 -13.73
N ALA A 418 -5.56 11.74 -13.15
CA ALA A 418 -4.29 12.25 -13.64
C ALA A 418 -3.80 11.52 -14.89
N THR A 419 -4.34 10.34 -15.19
CA THR A 419 -3.90 9.59 -16.35
C THR A 419 -5.04 8.97 -17.15
N GLY A 420 -6.30 9.17 -16.75
CA GLY A 420 -7.41 8.56 -17.44
C GLY A 420 -7.71 9.20 -18.79
N PRO A 421 -8.17 10.45 -18.78
CA PRO A 421 -8.51 11.11 -20.05
C PRO A 421 -7.34 11.83 -20.69
N ALA A 422 -6.34 12.18 -19.90
CA ALA A 422 -5.22 12.99 -20.40
C ALA A 422 -4.38 12.21 -21.40
N VAL A 423 -3.99 10.98 -21.03
CA VAL A 423 -3.22 10.15 -21.95
C VAL A 423 -4.02 9.86 -23.21
N LEU A 424 -5.33 9.64 -23.05
CA LEU A 424 -6.17 9.34 -24.20
C LEU A 424 -6.22 10.51 -25.18
N THR A 425 -6.45 11.72 -24.66
CA THR A 425 -6.54 12.88 -25.56
C THR A 425 -5.18 13.23 -26.15
N VAL A 426 -4.09 13.02 -25.41
CA VAL A 426 -2.77 13.27 -25.96
C VAL A 426 -2.48 12.31 -27.12
N ALA A 427 -2.81 11.03 -26.92
CA ALA A 427 -2.61 10.05 -27.98
C ALA A 427 -3.48 10.36 -29.18
N LEU A 428 -4.74 10.74 -28.95
CA LEU A 428 -5.62 11.09 -30.07
C LEU A 428 -5.09 12.29 -30.84
N ILE A 429 -4.64 13.32 -30.14
CA ILE A 429 -4.12 14.51 -30.81
C ILE A 429 -2.89 14.17 -31.63
N GLU A 430 -1.93 13.45 -31.03
CA GLU A 430 -0.70 13.14 -31.76
C GLU A 430 -0.99 12.22 -32.95
N ALA A 431 -1.93 11.29 -32.80
CA ALA A 431 -2.24 10.38 -33.89
C ALA A 431 -2.92 11.11 -35.04
N VAL A 432 -3.92 11.93 -34.74
CA VAL A 432 -4.59 12.68 -35.81
C VAL A 432 -3.63 13.66 -36.45
N ALA A 433 -2.68 14.21 -35.69
CA ALA A 433 -1.69 15.11 -36.26
C ALA A 433 -0.79 14.37 -37.25
N VAL A 434 -0.16 13.28 -36.80
CA VAL A 434 0.74 12.53 -37.68
C VAL A 434 -0.01 11.89 -38.84
N SER A 435 -1.34 11.73 -38.72
CA SER A 435 -2.11 11.14 -39.80
C SER A 435 -2.52 12.17 -40.85
N TRP A 436 -3.07 13.31 -40.45
CA TRP A 436 -3.59 14.30 -41.38
C TRP A 436 -2.62 15.45 -41.64
N PHE A 437 -2.11 16.08 -40.59
CA PHE A 437 -1.25 17.24 -40.74
C PHE A 437 0.17 16.89 -41.16
N TYR A 438 0.49 15.60 -41.30
CA TYR A 438 1.80 15.16 -41.75
C TYR A 438 1.76 14.30 -42.99
N GLY A 439 0.69 13.55 -43.21
CA GLY A 439 0.58 12.70 -44.39
C GLY A 439 0.86 11.25 -44.10
N ILE A 440 -0.15 10.39 -44.28
CA ILE A 440 0.05 8.96 -44.06
C ILE A 440 0.96 8.37 -45.12
N THR A 441 0.86 8.86 -46.36
CA THR A 441 1.75 8.39 -47.41
C THR A 441 3.19 8.80 -47.16
N GLN A 442 3.41 9.98 -46.58
CA GLN A 442 4.76 10.40 -46.23
C GLN A 442 5.38 9.47 -45.19
N PHE A 443 4.61 9.14 -44.14
CA PHE A 443 5.11 8.22 -43.12
C PHE A 443 5.33 6.82 -43.70
N CYS A 444 4.47 6.41 -44.64
CA CYS A 444 4.65 5.10 -45.28
C CYS A 444 5.94 5.07 -46.08
N ARG A 445 6.18 6.09 -46.89
CA ARG A 445 7.43 6.17 -47.64
C ARG A 445 8.64 6.25 -46.71
N ASP A 446 8.50 6.95 -45.59
CA ASP A 446 9.60 7.06 -44.64
C ASP A 446 9.94 5.70 -44.04
N VAL A 447 8.93 4.96 -43.56
CA VAL A 447 9.21 3.65 -42.97
C VAL A 447 9.67 2.67 -44.04
N LYS A 448 9.24 2.86 -45.30
CA LYS A 448 9.72 2.00 -46.38
C LYS A 448 11.19 2.23 -46.65
N GLU A 449 11.60 3.49 -46.83
CA GLU A 449 13.01 3.80 -47.05
C GLU A 449 13.86 3.53 -45.83
N MET A 450 13.25 3.44 -44.64
CA MET A 450 14.01 3.13 -43.43
C MET A 450 14.23 1.63 -43.29
N LEU A 451 13.17 0.84 -43.34
CA LEU A 451 13.26 -0.61 -43.12
C LEU A 451 13.46 -1.38 -44.41
N GLY A 452 12.57 -1.21 -45.37
CA GLY A 452 12.67 -1.91 -46.64
C GLY A 452 11.43 -2.69 -47.00
N PHE A 453 10.37 -2.54 -46.21
CA PHE A 453 9.12 -3.22 -46.47
C PHE A 453 7.97 -2.35 -45.99
N SER A 454 6.88 -2.34 -46.75
CA SER A 454 5.72 -1.53 -46.39
C SER A 454 4.83 -2.30 -45.42
N PRO A 455 4.22 -1.62 -44.46
CA PRO A 455 3.31 -2.29 -43.53
C PRO A 455 2.05 -2.77 -44.25
N GLY A 456 1.33 -3.65 -43.56
CA GLY A 456 0.12 -4.21 -44.12
C GLY A 456 -1.00 -3.18 -44.24
N TRP A 457 -2.06 -3.58 -44.95
CA TRP A 457 -3.20 -2.71 -45.16
C TRP A 457 -3.99 -2.48 -43.87
N PHE A 458 -3.87 -3.40 -42.90
CA PHE A 458 -4.59 -3.23 -41.64
C PHE A 458 -4.08 -2.03 -40.85
N TRP A 459 -2.78 -1.73 -40.96
CA TRP A 459 -2.21 -0.63 -40.21
C TRP A 459 -2.43 0.71 -40.90
N ARG A 460 -2.45 0.73 -42.23
CA ARG A 460 -2.65 1.99 -42.95
C ARG A 460 -4.06 2.53 -42.75
N ILE A 461 -5.06 1.64 -42.78
CA ILE A 461 -6.45 2.08 -42.59
C ILE A 461 -6.74 2.41 -41.13
N CYS A 462 -5.89 1.96 -40.20
CA CYS A 462 -6.16 2.18 -38.77
C CYS A 462 -5.92 3.63 -38.39
N TRP A 463 -4.69 4.13 -38.60
CA TRP A 463 -4.32 5.45 -38.12
C TRP A 463 -5.15 6.58 -38.71
N VAL A 464 -5.82 6.34 -39.84
CA VAL A 464 -6.55 7.41 -40.51
C VAL A 464 -8.01 7.47 -40.06
N ALA A 465 -8.65 6.32 -39.88
CA ALA A 465 -10.08 6.32 -39.56
C ALA A 465 -10.42 5.51 -38.33
N ILE A 466 -9.74 4.39 -38.10
CA ILE A 466 -10.12 3.49 -37.00
C ILE A 466 -9.65 4.05 -35.66
N SER A 467 -8.36 4.35 -35.55
CA SER A 467 -7.82 4.85 -34.29
C SER A 467 -8.38 6.21 -33.89
N PRO A 468 -8.44 7.23 -34.77
CA PRO A 468 -8.96 8.53 -34.31
C PRO A 468 -10.41 8.48 -33.86
N LEU A 469 -11.29 7.84 -34.65
CA LEU A 469 -12.70 7.77 -34.28
C LEU A 469 -12.89 6.97 -32.99
N PHE A 470 -12.14 5.88 -32.83
CA PHE A 470 -12.27 5.07 -31.64
C PHE A 470 -11.79 5.83 -30.40
N LEU A 471 -10.68 6.56 -30.52
CA LEU A 471 -10.20 7.35 -29.39
C LEU A 471 -11.17 8.49 -29.07
N LEU A 472 -11.79 9.08 -30.09
CA LEU A 472 -12.80 10.11 -29.85
C LEU A 472 -14.01 9.54 -29.14
N PHE A 473 -14.44 8.33 -29.52
CA PHE A 473 -15.54 7.68 -28.82
C PHE A 473 -15.17 7.36 -27.38
N ILE A 474 -13.92 6.95 -27.15
CA ILE A 474 -13.47 6.66 -25.78
C ILE A 474 -13.48 7.94 -24.95
N ILE A 475 -13.03 9.06 -25.53
CA ILE A 475 -13.05 10.33 -24.82
C ILE A 475 -14.49 10.77 -24.52
N CYS A 476 -15.40 10.55 -25.47
CA CYS A 476 -16.79 10.88 -25.26
C CYS A 476 -17.39 10.05 -24.13
N SER A 477 -17.04 8.76 -24.08
CA SER A 477 -17.50 7.90 -23.00
C SER A 477 -16.92 8.34 -21.66
N PHE A 478 -15.66 8.79 -21.65
CA PHE A 478 -15.07 9.33 -20.43
C PHE A 478 -15.82 10.56 -19.96
N LEU A 479 -16.12 11.48 -20.88
CA LEU A 479 -16.77 12.73 -20.50
C LEU A 479 -18.22 12.53 -20.11
N MET A 480 -18.88 11.52 -20.68
CA MET A 480 -20.30 11.27 -20.40
C MET A 480 -20.53 10.33 -19.23
N SER A 481 -19.48 9.90 -18.55
CA SER A 481 -19.59 8.99 -17.40
C SER A 481 -18.87 9.57 -16.20
N PRO A 482 -19.58 10.21 -15.27
CA PRO A 482 -18.92 10.73 -14.07
C PRO A 482 -18.42 9.61 -13.19
N PRO A 483 -17.19 9.68 -12.71
CA PRO A 483 -16.65 8.62 -11.86
C PRO A 483 -17.33 8.59 -10.51
N GLN A 484 -17.29 7.41 -9.88
CA GLN A 484 -17.87 7.18 -8.56
C GLN A 484 -16.80 6.51 -7.69
N LEU A 485 -15.99 7.34 -7.03
CA LEU A 485 -14.92 6.83 -6.18
C LEU A 485 -15.46 6.52 -4.78
N ARG A 486 -15.01 5.40 -4.22
CA ARG A 486 -15.43 5.01 -2.88
C ARG A 486 -14.37 4.06 -2.32
N LEU A 487 -13.69 4.49 -1.26
CA LEU A 487 -12.68 3.67 -0.61
C LEU A 487 -13.32 2.87 0.53
N PHE A 488 -12.49 2.27 1.37
CA PHE A 488 -12.98 1.47 2.49
C PHE A 488 -13.76 2.33 3.48
N GLN A 489 -15.08 2.12 3.53
CA GLN A 489 -15.98 2.83 4.45
C GLN A 489 -15.82 4.34 4.32
N TYR A 490 -15.86 4.83 3.08
CA TYR A 490 -15.72 6.25 2.81
C TYR A 490 -16.32 6.56 1.45
N ASN A 491 -17.07 7.66 1.39
CA ASN A 491 -17.69 8.13 0.15
C ASN A 491 -17.08 9.49 -0.21
N TYR A 492 -16.56 9.58 -1.43
CA TYR A 492 -15.94 10.83 -1.87
C TYR A 492 -17.01 11.91 -2.04
N PRO A 493 -16.75 13.14 -1.57
CA PRO A 493 -17.75 14.21 -1.69
C PRO A 493 -17.92 14.70 -3.11
N TYR A 494 -18.76 15.71 -3.30
CA TYR A 494 -19.03 16.23 -4.64
C TYR A 494 -17.86 17.05 -5.17
N TRP A 495 -17.13 17.74 -4.30
CA TRP A 495 -15.99 18.53 -4.75
C TRP A 495 -14.83 17.68 -5.23
N SER A 496 -14.84 16.38 -4.91
CA SER A 496 -13.78 15.50 -5.39
C SER A 496 -13.81 15.37 -6.91
N ILE A 497 -15.01 15.34 -7.49
CA ILE A 497 -15.14 15.28 -8.94
C ILE A 497 -14.58 16.54 -9.59
N ILE A 498 -14.88 17.70 -9.00
CA ILE A 498 -14.36 18.97 -9.53
C ILE A 498 -12.84 19.01 -9.40
N LEU A 499 -12.31 18.54 -8.27
CA LEU A 499 -10.85 18.50 -8.10
C LEU A 499 -10.20 17.58 -9.13
N GLY A 500 -10.81 16.42 -9.38
CA GLY A 500 -10.27 15.52 -10.39
C GLY A 500 -10.34 16.09 -11.80
N TYR A 501 -11.43 16.80 -12.10
CA TYR A 501 -11.53 17.46 -13.40
C TYR A 501 -10.49 18.56 -13.56
N CYS A 502 -10.22 19.29 -12.48
CA CYS A 502 -9.19 20.34 -12.54
C CYS A 502 -7.80 19.73 -12.68
N ILE A 503 -7.56 18.58 -12.02
CA ILE A 503 -6.28 17.90 -12.15
C ILE A 503 -6.10 17.39 -13.57
N GLY A 504 -7.14 16.79 -14.15
CA GLY A 504 -7.09 16.31 -15.51
C GLY A 504 -7.20 17.38 -16.58
N THR A 505 -7.13 18.65 -16.21
CA THR A 505 -7.20 19.77 -17.14
C THR A 505 -5.87 20.49 -17.31
N SER A 506 -5.13 20.72 -16.22
CA SER A 506 -3.84 21.38 -16.31
C SER A 506 -2.83 20.58 -17.10
N SER A 507 -3.00 19.26 -17.19
CA SER A 507 -2.12 18.41 -17.99
C SER A 507 -2.58 18.29 -19.44
N PHE A 508 -3.59 19.06 -19.84
CA PHE A 508 -4.09 19.02 -21.21
C PHE A 508 -4.20 20.43 -21.78
N ILE A 509 -4.36 21.42 -20.90
CA ILE A 509 -4.54 22.81 -21.32
C ILE A 509 -3.30 23.41 -21.96
N CYS A 510 -2.15 22.73 -21.87
CA CYS A 510 -0.93 23.28 -22.45
C CYS A 510 -0.98 23.28 -23.98
N ILE A 511 -1.66 22.30 -24.58
CA ILE A 511 -1.74 22.18 -26.03
C ILE A 511 -2.55 23.35 -26.61
N PRO A 512 -3.76 23.65 -26.11
CA PRO A 512 -4.45 24.85 -26.62
C PRO A 512 -3.72 26.14 -26.28
N THR A 513 -3.02 26.19 -25.16
CA THR A 513 -2.23 27.37 -24.82
C THR A 513 -1.16 27.62 -25.88
N TYR A 514 -0.43 26.58 -26.26
CA TYR A 514 0.58 26.74 -27.30
C TYR A 514 -0.04 26.98 -28.67
N ILE A 515 -1.22 26.42 -28.92
CA ILE A 515 -1.91 26.68 -30.19
C ILE A 515 -2.26 28.15 -30.31
N ALA A 516 -2.80 28.73 -29.23
CA ALA A 516 -3.13 30.16 -29.25
C ALA A 516 -1.88 31.02 -29.26
N TYR A 517 -0.80 30.56 -28.62
CA TYR A 517 0.44 31.33 -28.61
C TYR A 517 1.16 31.27 -29.95
N ARG A 518 0.99 30.18 -30.70
CA ARG A 518 1.68 30.06 -31.98
C ARG A 518 1.09 30.99 -33.03
N LEU A 519 -0.17 31.38 -32.88
CA LEU A 519 -0.84 32.25 -33.85
C LEU A 519 -0.62 33.73 -33.56
N ILE A 520 0.31 34.07 -32.67
CA ILE A 520 0.62 35.45 -32.34
C ILE A 520 2.02 35.84 -32.80
N ILE A 521 3.00 34.93 -32.65
CA ILE A 521 4.37 35.26 -33.01
C ILE A 521 4.50 35.46 -34.51
N THR A 522 3.89 34.60 -35.31
CA THR A 522 3.92 34.75 -36.76
C THR A 522 2.89 35.78 -37.19
N PRO A 523 3.28 36.83 -37.90
CA PRO A 523 2.33 37.86 -38.32
C PRO A 523 1.52 37.41 -39.53
N GLY A 524 0.61 38.27 -39.97
CA GLY A 524 -0.24 38.02 -41.10
C GLY A 524 -1.62 37.54 -40.70
N THR A 525 -2.42 37.22 -41.72
CA THR A 525 -3.76 36.72 -41.49
C THR A 525 -3.71 35.28 -40.97
N PHE A 526 -4.89 34.76 -40.62
CA PHE A 526 -4.97 33.41 -40.04
C PHE A 526 -4.60 32.34 -41.06
N LYS A 527 -4.85 32.59 -42.35
CA LYS A 527 -4.61 31.58 -43.37
C LYS A 527 -3.12 31.27 -43.49
N GLU A 528 -2.29 32.31 -43.64
CA GLU A 528 -0.85 32.08 -43.74
C GLU A 528 -0.27 31.55 -42.44
N ARG A 529 -0.80 32.01 -41.30
CA ARG A 529 -0.34 31.47 -40.02
C ARG A 529 -0.61 29.98 -39.92
N ILE A 530 -1.80 29.54 -40.32
CA ILE A 530 -2.13 28.12 -40.27
C ILE A 530 -1.27 27.33 -41.26
N ILE A 531 -1.12 27.84 -42.48
CA ILE A 531 -0.35 27.10 -43.48
C ILE A 531 1.13 27.06 -43.15
N LYS A 532 1.61 27.98 -42.30
CA LYS A 532 2.99 27.96 -41.85
C LYS A 532 3.17 27.07 -40.62
N SER A 533 2.20 27.05 -39.71
CA SER A 533 2.30 26.22 -38.53
C SER A 533 2.06 24.75 -38.83
N ILE A 534 1.28 24.47 -39.88
CA ILE A 534 1.01 23.08 -40.25
C ILE A 534 2.20 22.47 -40.98
N THR A 535 2.80 23.22 -41.89
CA THR A 535 3.93 22.71 -42.64
C THR A 535 5.14 22.52 -41.72
N PRO A 536 5.88 21.42 -41.87
CA PRO A 536 7.04 21.18 -40.98
C PRO A 536 8.18 22.14 -41.24
N GLU A 537 9.23 22.04 -40.43
CA GLU A 537 10.42 22.87 -40.57
C GLU A 537 11.55 22.08 -41.21
N THR A 538 12.53 22.82 -41.73
CA THR A 538 13.69 22.23 -42.38
C THR A 538 14.95 22.57 -41.61
N PRO A 539 15.85 21.59 -41.41
CA PRO A 539 17.13 21.80 -40.70
C PRO A 539 18.03 22.82 -41.38
N GLN B 1 -21.21 -12.43 30.51
CA GLN B 1 -20.28 -12.30 31.63
C GLN B 1 -19.05 -13.19 31.42
N VAL B 2 -17.90 -12.69 31.86
CA VAL B 2 -16.63 -13.40 31.71
C VAL B 2 -16.09 -13.65 33.12
N GLN B 3 -16.20 -14.90 33.58
CA GLN B 3 -15.69 -15.28 34.88
C GLN B 3 -14.30 -15.90 34.72
N LEU B 4 -13.31 -15.33 35.39
CA LEU B 4 -11.93 -15.80 35.35
C LEU B 4 -11.61 -16.44 36.69
N GLN B 5 -11.50 -17.76 36.70
CA GLN B 5 -11.18 -18.49 37.93
C GLN B 5 -9.67 -18.67 38.06
N GLN B 6 -9.24 -18.98 39.29
CA GLN B 6 -7.83 -19.18 39.58
C GLN B 6 -7.72 -20.40 40.50
N SER B 7 -6.52 -20.63 41.03
CA SER B 7 -6.26 -21.74 41.93
C SER B 7 -6.48 -21.27 43.37
N GLY B 8 -6.08 -22.11 44.32
CA GLY B 8 -6.22 -21.78 45.73
C GLY B 8 -4.88 -21.48 46.38
N PRO B 9 -4.91 -21.10 47.66
CA PRO B 9 -3.65 -20.82 48.36
C PRO B 9 -2.80 -22.08 48.50
N GLU B 10 -1.50 -21.90 48.34
CA GLU B 10 -0.53 -22.99 48.42
C GLU B 10 0.53 -22.65 49.46
N LEU B 11 1.53 -23.52 49.57
CA LEU B 11 2.62 -23.35 50.51
C LEU B 11 3.92 -23.10 49.76
N VAL B 12 4.75 -22.22 50.30
CA VAL B 12 6.03 -21.88 49.71
C VAL B 12 7.11 -22.76 50.30
N LYS B 13 8.02 -23.23 49.44
CA LYS B 13 9.12 -24.09 49.86
C LYS B 13 10.41 -23.61 49.20
N LEU B 14 11.49 -23.60 49.98
CA LEU B 14 12.78 -23.15 49.48
C LEU B 14 13.33 -24.17 48.48
N GLY B 15 13.42 -23.77 47.22
CA GLY B 15 13.96 -24.62 46.18
C GLY B 15 12.94 -25.40 45.39
N ALA B 16 11.66 -25.31 45.73
CA ALA B 16 10.61 -26.02 45.03
C ALA B 16 9.98 -25.11 43.98
N SER B 17 8.90 -25.58 43.36
CA SER B 17 8.19 -24.83 42.33
C SER B 17 6.70 -25.03 42.50
N VAL B 18 5.92 -24.05 42.03
CA VAL B 18 4.48 -24.10 42.11
C VAL B 18 3.88 -24.00 40.71
N ARG B 19 2.56 -24.09 40.61
CA ARG B 19 1.89 -24.00 39.32
C ARG B 19 0.53 -23.35 39.55
N ILE B 20 0.39 -22.10 39.12
CA ILE B 20 -0.85 -21.35 39.28
C ILE B 20 -1.62 -21.40 37.97
N SER B 21 -2.85 -21.87 38.03
CA SER B 21 -3.71 -21.99 36.86
C SER B 21 -4.61 -20.77 36.72
N CYS B 22 -5.14 -20.58 35.51
CA CYS B 22 -6.02 -19.45 35.23
C CYS B 22 -6.99 -19.89 34.14
N LYS B 23 -8.20 -20.29 34.55
CA LYS B 23 -9.23 -20.74 33.63
C LYS B 23 -10.10 -19.56 33.23
N ALA B 24 -9.94 -19.10 31.99
CA ALA B 24 -10.72 -17.99 31.46
C ALA B 24 -11.78 -18.50 30.50
N SER B 25 -12.99 -17.97 30.64
CA SER B 25 -14.11 -18.36 29.78
C SER B 25 -15.11 -17.22 29.71
N GLY B 26 -15.81 -17.14 28.58
CA GLY B 26 -16.78 -16.09 28.37
C GLY B 26 -16.65 -15.42 27.02
N TYR B 27 -15.41 -15.31 26.53
CA TYR B 27 -15.15 -14.73 25.22
C TYR B 27 -14.22 -15.64 24.41
N ARG B 28 -13.75 -15.16 23.27
CA ARG B 28 -12.81 -15.91 22.45
C ARG B 28 -11.50 -16.08 23.20
N PHE B 29 -11.07 -17.33 23.37
CA PHE B 29 -9.90 -17.62 24.19
C PHE B 29 -8.60 -17.25 23.49
N SER B 30 -8.35 -17.86 22.32
CA SER B 30 -7.07 -17.66 21.65
C SER B 30 -7.09 -16.40 20.78
N TYR B 31 -7.48 -15.27 21.36
CA TYR B 31 -7.43 -14.00 20.66
C TYR B 31 -6.94 -12.83 21.51
N SER B 32 -6.77 -13.00 22.81
CA SER B 32 -6.29 -11.93 23.68
C SER B 32 -5.21 -12.48 24.61
N TRP B 33 -4.31 -11.60 25.03
CA TRP B 33 -3.22 -12.00 25.89
C TRP B 33 -3.72 -12.31 27.29
N MET B 34 -2.87 -12.98 28.07
CA MET B 34 -3.17 -13.35 29.46
C MET B 34 -2.02 -12.87 30.33
N ASN B 35 -2.17 -11.69 30.92
CA ASN B 35 -1.11 -11.11 31.73
C ASN B 35 -1.01 -11.81 33.08
N TRP B 36 0.11 -11.59 33.76
CA TRP B 36 0.37 -12.16 35.08
C TRP B 36 1.12 -11.12 35.90
N VAL B 37 0.38 -10.36 36.70
CA VAL B 37 0.98 -9.32 37.52
C VAL B 37 1.36 -9.91 38.88
N LYS B 38 2.23 -9.20 39.60
CA LYS B 38 2.68 -9.61 40.92
C LYS B 38 2.46 -8.45 41.89
N GLN B 39 1.62 -8.67 42.89
CA GLN B 39 1.28 -7.65 43.89
C GLN B 39 1.93 -8.04 45.21
N ARG B 40 3.01 -7.34 45.56
CA ARG B 40 3.69 -7.58 46.82
C ARG B 40 2.83 -7.06 47.97
N PRO B 41 2.91 -7.70 49.14
CA PRO B 41 2.13 -7.23 50.30
C PRO B 41 2.55 -5.85 50.76
N GLY B 42 1.66 -4.87 50.62
CA GLY B 42 1.94 -3.51 50.99
C GLY B 42 2.61 -2.66 49.93
N LYS B 43 3.29 -3.28 48.98
CA LYS B 43 3.97 -2.56 47.92
C LYS B 43 3.03 -2.43 46.72
N GLY B 44 3.58 -1.98 45.58
CA GLY B 44 2.79 -1.78 44.38
C GLY B 44 2.80 -3.00 43.48
N LEU B 45 2.15 -2.84 42.33
CA LEU B 45 2.07 -3.92 41.36
C LEU B 45 3.41 -4.12 40.65
N GLU B 46 3.55 -5.28 40.00
CA GLU B 46 4.77 -5.61 39.29
C GLU B 46 4.43 -6.62 38.20
N TRP B 47 4.95 -6.38 37.01
CA TRP B 47 4.69 -7.24 35.86
C TRP B 47 5.70 -8.37 35.79
N ILE B 48 5.23 -9.53 35.32
CA ILE B 48 6.08 -10.72 35.22
C ILE B 48 6.24 -11.09 33.75
N GLY B 49 5.14 -11.38 33.08
CA GLY B 49 5.18 -11.76 31.68
C GLY B 49 3.82 -12.07 31.09
N ARG B 50 3.69 -11.91 29.79
CA ARG B 50 2.44 -12.15 29.07
C ARG B 50 2.58 -13.38 28.18
N ILE B 51 1.43 -13.95 27.82
CA ILE B 51 1.38 -15.13 26.95
C ILE B 51 0.13 -15.06 26.10
N TYR B 52 0.27 -15.41 24.82
CA TYR B 52 -0.85 -15.43 23.90
C TYR B 52 -1.23 -16.87 23.60
N PRO B 53 -2.49 -17.26 23.79
CA PRO B 53 -2.90 -18.64 23.49
C PRO B 53 -2.73 -18.96 22.02
N GLY B 54 -1.92 -19.97 21.73
CA GLY B 54 -1.64 -20.36 20.36
C GLY B 54 -0.15 -20.54 20.10
N ASP B 55 0.64 -20.50 21.17
CA ASP B 55 2.10 -20.67 21.10
C ASP B 55 2.75 -19.63 20.19
N GLY B 56 2.16 -18.44 20.10
CA GLY B 56 2.71 -17.37 19.29
C GLY B 56 3.97 -16.78 19.86
N ASP B 57 3.85 -16.09 21.00
CA ASP B 57 5.00 -15.49 21.66
C ASP B 57 4.83 -15.61 23.16
N THR B 58 5.94 -15.42 23.88
CA THR B 58 5.95 -15.47 25.34
C THR B 58 6.98 -14.45 25.82
N LYS B 59 6.50 -13.28 26.25
CA LYS B 59 7.36 -12.21 26.70
C LYS B 59 7.51 -12.23 28.22
N TYR B 60 8.51 -11.50 28.71
CA TYR B 60 8.78 -11.40 30.13
C TYR B 60 9.22 -9.97 30.45
N SER B 61 9.44 -9.71 31.74
CA SER B 61 9.84 -8.40 32.22
C SER B 61 11.35 -8.24 32.35
N GLY B 62 12.13 -9.18 31.83
CA GLY B 62 13.58 -9.15 31.90
C GLY B 62 14.16 -9.75 33.15
N LYS B 63 13.47 -9.60 34.28
CA LYS B 63 13.91 -10.18 35.55
C LYS B 63 13.33 -11.57 35.77
N PHE B 64 12.10 -11.80 35.33
CA PHE B 64 11.41 -13.08 35.51
C PHE B 64 11.57 -14.00 34.31
N LYS B 65 12.59 -13.78 33.48
CA LYS B 65 12.77 -14.58 32.27
C LYS B 65 13.24 -15.99 32.59
N GLY B 66 14.08 -16.15 33.62
CA GLY B 66 14.62 -17.45 33.95
C GLY B 66 14.05 -18.05 35.22
N LYS B 67 13.10 -17.34 35.85
CA LYS B 67 12.50 -17.79 37.10
C LYS B 67 11.06 -18.26 36.90
N ALA B 68 10.45 -17.99 35.76
CA ALA B 68 9.05 -18.32 35.55
C ALA B 68 8.80 -18.55 34.07
N THR B 69 7.94 -19.51 33.75
CA THR B 69 7.56 -19.81 32.39
C THR B 69 6.04 -19.82 32.26
N LEU B 70 5.56 -19.61 31.05
CA LEU B 70 4.13 -19.55 30.76
C LEU B 70 3.79 -20.60 29.70
N THR B 71 2.84 -21.48 30.03
CA THR B 71 2.39 -22.53 29.13
C THR B 71 0.91 -22.37 28.86
N ALA B 72 0.54 -22.33 27.58
CA ALA B 72 -0.85 -22.17 27.19
C ALA B 72 -1.52 -23.53 26.97
N ASP B 73 -2.85 -23.52 26.95
CA ASP B 73 -3.63 -24.74 26.75
C ASP B 73 -4.96 -24.33 26.12
N LYS B 74 -5.09 -24.53 24.81
CA LYS B 74 -6.30 -24.17 24.10
C LYS B 74 -7.41 -25.20 24.26
N SER B 75 -7.14 -26.36 24.88
CA SER B 75 -8.16 -27.38 25.05
C SER B 75 -9.07 -27.07 26.23
N SER B 76 -8.48 -26.95 27.43
CA SER B 76 -9.24 -26.64 28.63
C SER B 76 -9.35 -25.14 28.89
N SER B 77 -8.79 -24.31 28.02
CA SER B 77 -8.80 -22.85 28.16
C SER B 77 -8.24 -22.43 29.53
N THR B 78 -7.09 -22.99 29.87
CA THR B 78 -6.39 -22.66 31.11
C THR B 78 -4.98 -22.16 30.79
N VAL B 79 -4.45 -21.32 31.67
CA VAL B 79 -3.11 -20.77 31.53
C VAL B 79 -2.35 -21.04 32.82
N TYR B 80 -1.18 -21.67 32.69
CA TYR B 80 -0.34 -22.02 33.83
C TYR B 80 0.87 -21.10 33.89
N MET B 81 1.46 -21.03 35.09
CA MET B 81 2.66 -20.23 35.34
C MET B 81 3.55 -21.02 36.29
N GLN B 82 4.48 -21.78 35.72
CA GLN B 82 5.40 -22.61 36.51
C GLN B 82 6.62 -21.78 36.90
N LEU B 83 6.80 -21.60 38.21
CA LEU B 83 7.94 -20.85 38.73
C LEU B 83 9.15 -21.75 38.86
N SER B 84 10.28 -21.15 39.23
CA SER B 84 11.53 -21.87 39.40
C SER B 84 12.35 -21.20 40.49
N SER B 85 13.04 -22.01 41.29
CA SER B 85 13.88 -21.54 42.40
C SER B 85 13.13 -20.55 43.29
N LEU B 86 12.05 -21.06 43.90
CA LEU B 86 11.23 -20.22 44.76
C LEU B 86 11.99 -19.85 46.02
N THR B 87 12.07 -18.54 46.30
CA THR B 87 12.77 -18.01 47.45
C THR B 87 11.78 -17.52 48.49
N SER B 88 12.32 -16.95 49.57
CA SER B 88 11.48 -16.49 50.67
C SER B 88 10.73 -15.21 50.34
N GLU B 89 11.39 -14.27 49.65
CA GLU B 89 10.76 -13.00 49.31
C GLU B 89 9.80 -13.11 48.14
N ASP B 90 9.65 -14.30 47.54
CA ASP B 90 8.76 -14.51 46.40
C ASP B 90 7.35 -14.90 46.82
N SER B 91 6.92 -14.53 48.02
CA SER B 91 5.58 -14.84 48.52
C SER B 91 4.72 -13.59 48.37
N ALA B 92 3.89 -13.58 47.34
CA ALA B 92 3.03 -12.45 47.05
C ALA B 92 1.75 -12.96 46.39
N VAL B 93 0.98 -12.04 45.82
CA VAL B 93 -0.28 -12.37 45.15
C VAL B 93 -0.07 -12.25 43.66
N TYR B 94 -0.38 -13.33 42.93
CA TYR B 94 -0.22 -13.39 41.48
C TYR B 94 -1.61 -13.44 40.85
N PHE B 95 -2.01 -12.35 40.19
CA PHE B 95 -3.29 -12.29 39.53
C PHE B 95 -3.18 -12.81 38.10
N CYS B 96 -4.29 -12.73 37.36
CA CYS B 96 -4.34 -13.18 35.97
C CYS B 96 -5.25 -12.22 35.21
N ALA B 97 -4.66 -11.24 34.54
CA ALA B 97 -5.39 -10.23 33.80
C ALA B 97 -5.44 -10.57 32.32
N ARG B 98 -6.58 -10.33 31.70
CA ARG B 98 -6.78 -10.58 30.28
C ARG B 98 -6.68 -9.26 29.52
N SER B 99 -5.93 -9.26 28.42
CA SER B 99 -5.74 -8.06 27.62
C SER B 99 -7.02 -7.72 26.87
N ALA B 100 -6.98 -6.63 26.12
CA ALA B 100 -8.12 -6.15 25.37
C ALA B 100 -8.27 -6.96 24.07
N TYR B 101 -9.12 -6.47 23.16
CA TYR B 101 -9.36 -7.13 21.89
C TYR B 101 -8.51 -6.56 20.76
N GLY B 102 -7.31 -6.09 21.07
CA GLY B 102 -6.43 -5.57 20.04
C GLY B 102 -5.93 -4.15 20.26
N SER B 103 -6.38 -3.23 19.41
CA SER B 103 -5.83 -1.88 19.33
C SER B 103 -5.64 -1.21 20.69
N GLU B 104 -6.66 -1.26 21.55
CA GLU B 104 -6.59 -0.55 22.82
C GLU B 104 -5.52 -1.16 23.74
N GLY B 105 -5.64 -2.45 24.03
CA GLY B 105 -4.67 -3.14 24.86
C GLY B 105 -4.73 -2.73 26.31
N PHE B 106 -5.83 -3.07 26.98
CA PHE B 106 -6.02 -2.74 28.39
C PHE B 106 -6.67 -3.93 29.10
N ALA B 107 -6.67 -3.86 30.43
CA ALA B 107 -7.32 -4.89 31.22
C ALA B 107 -8.84 -4.71 31.16
N MET B 108 -9.54 -5.79 30.80
CA MET B 108 -10.98 -5.76 30.62
C MET B 108 -11.75 -6.01 31.91
N ASP B 109 -11.15 -5.71 33.05
CA ASP B 109 -11.77 -5.89 34.37
C ASP B 109 -12.14 -7.36 34.60
N TYR B 110 -11.24 -8.26 34.18
CA TYR B 110 -11.39 -9.70 34.37
C TYR B 110 -10.18 -10.18 35.18
N TRP B 111 -10.31 -10.10 36.50
CA TRP B 111 -9.23 -10.47 37.41
C TRP B 111 -9.71 -11.57 38.34
N GLY B 112 -8.75 -12.36 38.85
CA GLY B 112 -9.04 -13.43 39.78
C GLY B 112 -8.98 -12.98 41.22
N GLN B 113 -9.34 -13.91 42.11
CA GLN B 113 -9.32 -13.61 43.54
C GLN B 113 -7.90 -13.48 44.09
N GLY B 114 -6.92 -14.09 43.42
CA GLY B 114 -5.54 -13.99 43.86
C GLY B 114 -5.09 -15.21 44.65
N THR B 115 -4.05 -15.88 44.16
CA THR B 115 -3.51 -17.07 44.81
C THR B 115 -2.24 -16.67 45.56
N SER B 116 -2.44 -16.14 46.77
CA SER B 116 -1.32 -15.72 47.61
C SER B 116 -0.63 -16.93 48.21
N VAL B 117 0.58 -17.23 47.75
CA VAL B 117 1.33 -18.37 48.25
C VAL B 117 1.91 -18.03 49.62
N THR B 118 1.84 -18.99 50.54
CA THR B 118 2.36 -18.78 51.89
C THR B 118 2.63 -20.12 52.58
N ASP C 1 14.66 -0.75 29.24
CA ASP C 1 13.26 -0.82 29.61
C ASP C 1 12.68 0.56 29.86
N ILE C 2 11.45 0.77 29.41
CA ILE C 2 10.78 2.06 29.59
C ILE C 2 10.37 2.19 31.05
N VAL C 3 11.00 3.11 31.77
CA VAL C 3 10.68 3.33 33.18
C VAL C 3 9.51 4.30 33.27
N LEU C 4 8.73 4.16 34.35
CA LEU C 4 7.56 5.01 34.58
C LEU C 4 7.53 5.40 36.04
N THR C 5 7.69 6.70 36.32
CA THR C 5 7.66 7.21 37.68
C THR C 5 6.52 8.20 37.84
N GLN C 6 5.98 8.26 39.05
CA GLN C 6 4.88 9.15 39.39
C GLN C 6 5.40 10.26 40.31
N SER C 7 5.14 11.50 39.92
CA SER C 7 5.58 12.65 40.70
C SER C 7 4.85 12.81 42.03
N PRO C 8 3.55 12.56 42.14
CA PRO C 8 2.90 12.63 43.45
C PRO C 8 3.12 11.35 44.26
N ALA C 9 3.00 11.50 45.57
CA ALA C 9 3.19 10.39 46.49
C ALA C 9 1.99 10.17 47.41
N SER C 10 1.34 11.23 47.85
CA SER C 10 0.19 11.12 48.74
C SER C 10 -0.66 12.37 48.62
N LEU C 11 -1.98 12.19 48.56
CA LEU C 11 -2.93 13.29 48.47
C LEU C 11 -3.83 13.29 49.69
N ALA C 12 -4.65 14.32 49.80
CA ALA C 12 -5.59 14.49 50.90
C ALA C 12 -7.01 14.28 50.39
N VAL C 13 -7.77 13.45 51.10
CA VAL C 13 -9.15 13.16 50.74
C VAL C 13 -10.00 14.37 51.12
N SER C 14 -10.54 15.06 50.13
CA SER C 14 -11.38 16.23 50.34
C SER C 14 -12.65 16.07 49.51
N LEU C 15 -13.80 16.23 50.17
CA LEU C 15 -15.08 16.06 49.49
C LEU C 15 -15.33 17.22 48.53
N GLY C 16 -15.60 16.89 47.27
CA GLY C 16 -15.89 17.90 46.28
C GLY C 16 -14.71 18.76 45.88
N GLN C 17 -13.50 18.23 45.96
CA GLN C 17 -12.30 18.95 45.60
C GLN C 17 -11.51 18.17 44.56
N ARG C 18 -10.62 18.89 43.87
CA ARG C 18 -9.81 18.29 42.81
C ARG C 18 -8.59 17.59 43.37
N ALA C 19 -8.30 16.40 42.86
CA ALA C 19 -7.13 15.62 43.24
C ALA C 19 -6.52 15.04 41.98
N THR C 20 -5.39 15.58 41.56
CA THR C 20 -4.73 15.16 40.33
C THR C 20 -3.61 14.16 40.62
N ILE C 21 -3.46 13.21 39.71
CA ILE C 21 -2.39 12.21 39.78
C ILE C 21 -1.76 12.13 38.39
N SER C 22 -0.46 12.36 38.31
CA SER C 22 0.25 12.43 37.03
C SER C 22 1.41 11.45 37.02
N CYS C 23 1.55 10.71 35.92
CA CYS C 23 2.66 9.79 35.71
C CYS C 23 3.29 10.09 34.36
N ARG C 24 4.57 10.46 34.38
CA ARG C 24 5.25 10.91 33.18
C ARG C 24 5.67 9.73 32.31
N ALA C 25 5.72 9.97 31.00
CA ALA C 25 6.11 8.99 30.00
C ALA C 25 7.16 9.59 29.07
N SER C 26 8.19 10.20 29.66
CA SER C 26 9.22 10.88 28.86
C SER C 26 9.91 9.90 27.91
N GLU C 27 10.10 8.66 28.35
CA GLU C 27 10.70 7.63 27.50
C GLU C 27 9.63 6.87 26.71
N SER C 28 8.77 7.60 26.02
CA SER C 28 7.68 7.02 25.26
C SER C 28 7.14 8.07 24.30
N VAL C 29 6.29 7.61 23.37
CA VAL C 29 5.69 8.49 22.37
C VAL C 29 4.49 7.76 21.79
N ASP C 30 3.49 8.52 21.37
CA ASP C 30 2.30 7.94 20.75
C ASP C 30 2.69 7.14 19.51
N ASN C 31 2.16 5.92 19.41
CA ASN C 31 2.56 5.00 18.35
C ASN C 31 1.65 5.11 17.13
N TYR C 32 0.34 4.91 17.31
CA TYR C 32 -0.61 4.88 16.20
C TYR C 32 -1.84 5.72 16.54
N GLY C 33 -1.60 6.93 17.07
CA GLY C 33 -2.66 7.87 17.35
C GLY C 33 -3.33 7.69 18.69
N ILE C 34 -3.30 6.50 19.27
CA ILE C 34 -3.92 6.21 20.55
C ILE C 34 -2.84 6.12 21.62
N SER C 35 -3.13 6.67 22.79
CA SER C 35 -2.17 6.67 23.88
C SER C 35 -2.08 5.29 24.53
N PHE C 36 -0.91 4.67 24.43
CA PHE C 36 -0.67 3.36 25.04
C PHE C 36 -0.40 3.57 26.54
N LEU C 37 -1.49 3.82 27.27
CA LEU C 37 -1.40 4.03 28.71
C LEU C 37 -2.78 3.79 29.31
N ASN C 38 -2.82 3.17 30.48
CA ASN C 38 -4.06 2.83 31.15
C ASN C 38 -4.03 3.32 32.59
N TRP C 39 -5.18 3.23 33.26
CA TRP C 39 -5.33 3.62 34.65
C TRP C 39 -6.09 2.53 35.38
N PHE C 40 -5.59 2.15 36.55
CA PHE C 40 -6.18 1.09 37.37
C PHE C 40 -6.64 1.66 38.71
N GLN C 41 -7.23 0.78 39.52
CA GLN C 41 -7.73 1.16 40.84
C GLN C 41 -7.65 -0.05 41.74
N GLN C 42 -6.74 -0.03 42.71
CA GLN C 42 -6.51 -1.14 43.62
C GLN C 42 -6.99 -0.73 45.01
N LYS C 43 -8.16 -1.25 45.40
CA LYS C 43 -8.69 -0.99 46.73
C LYS C 43 -8.01 -1.90 47.75
N PRO C 44 -7.93 -1.48 49.01
CA PRO C 44 -7.35 -2.34 50.05
C PRO C 44 -8.14 -3.64 50.21
N GLY C 45 -7.48 -4.76 49.91
CA GLY C 45 -8.14 -6.04 49.96
C GLY C 45 -9.00 -6.37 48.77
N GLN C 46 -8.75 -5.73 47.63
CA GLN C 46 -9.51 -5.94 46.41
C GLN C 46 -8.55 -5.99 45.23
N PRO C 47 -8.88 -6.78 44.20
CA PRO C 47 -7.99 -6.84 43.03
C PRO C 47 -8.05 -5.54 42.25
N PRO C 48 -6.96 -5.18 41.56
CA PRO C 48 -6.97 -3.93 40.78
C PRO C 48 -7.95 -4.02 39.62
N LYS C 49 -8.88 -3.08 39.57
CA LYS C 49 -9.89 -3.02 38.54
C LYS C 49 -9.57 -1.95 37.52
N LEU C 50 -10.20 -2.06 36.35
CA LEU C 50 -10.00 -1.08 35.29
C LEU C 50 -10.71 0.23 35.62
N LEU C 51 -10.00 1.34 35.42
CA LEU C 51 -10.58 2.66 35.65
C LEU C 51 -10.69 3.46 34.36
N ILE C 52 -9.58 3.70 33.67
CA ILE C 52 -9.56 4.45 32.42
C ILE C 52 -8.49 3.85 31.52
N TYR C 53 -8.86 3.56 30.28
CA TYR C 53 -7.95 3.03 29.28
C TYR C 53 -7.71 4.06 28.18
N ALA C 54 -6.54 3.97 27.55
CA ALA C 54 -6.09 4.85 26.47
C ALA C 54 -6.00 6.31 26.89
N ALA C 55 -6.14 6.60 28.18
CA ALA C 55 -6.03 7.94 28.78
C ALA C 55 -7.08 8.92 28.27
N SER C 56 -8.00 8.49 27.41
CA SER C 56 -9.02 9.38 26.88
C SER C 56 -10.43 8.82 27.03
N ASN C 57 -10.60 7.51 26.89
CA ASN C 57 -11.91 6.88 26.95
C ASN C 57 -12.18 6.34 28.34
N GLN C 58 -13.47 6.12 28.63
CA GLN C 58 -13.90 5.62 29.92
C GLN C 58 -14.11 4.11 29.86
N GLY C 59 -13.64 3.42 30.89
CA GLY C 59 -13.76 1.98 30.93
C GLY C 59 -15.20 1.52 31.12
N SER C 60 -15.39 0.21 30.95
CA SER C 60 -16.71 -0.39 31.09
C SER C 60 -17.12 -0.42 32.56
N GLY C 61 -18.31 0.10 32.85
CA GLY C 61 -18.79 0.13 34.22
C GLY C 61 -18.07 1.11 35.11
N VAL C 62 -17.50 2.17 34.55
CA VAL C 62 -16.79 3.20 35.30
C VAL C 62 -17.62 4.47 35.28
N PRO C 63 -17.87 5.09 36.43
CA PRO C 63 -18.66 6.33 36.44
C PRO C 63 -17.93 7.46 35.74
N ALA C 64 -18.70 8.50 35.41
CA ALA C 64 -18.17 9.67 34.72
C ALA C 64 -17.40 10.61 35.64
N ARG C 65 -17.18 10.22 36.90
CA ARG C 65 -16.43 11.08 37.81
C ARG C 65 -14.96 11.15 37.48
N PHE C 66 -14.42 10.15 36.78
CA PHE C 66 -13.02 10.11 36.38
C PHE C 66 -12.89 10.48 34.92
N SER C 67 -11.87 11.27 34.60
CA SER C 67 -11.61 11.69 33.22
C SER C 67 -10.13 11.95 33.06
N GLY C 68 -9.51 11.27 32.09
CA GLY C 68 -8.09 11.42 31.83
C GLY C 68 -7.85 12.37 30.67
N SER C 69 -6.83 13.21 30.82
CA SER C 69 -6.44 14.18 29.80
C SER C 69 -4.96 14.01 29.46
N GLY C 70 -4.47 14.88 28.59
CA GLY C 70 -3.08 14.85 28.20
C GLY C 70 -2.78 13.84 27.10
N SER C 71 -1.79 14.15 26.26
CA SER C 71 -1.41 13.26 25.17
C SER C 71 0.10 13.39 24.95
N GLY C 72 0.71 12.28 24.54
CA GLY C 72 2.13 12.27 24.28
C GLY C 72 2.96 11.81 25.47
N THR C 73 3.52 12.77 26.22
CA THR C 73 4.38 12.47 27.36
C THR C 73 3.66 12.64 28.69
N TYR C 74 3.07 13.80 28.94
CA TYR C 74 2.42 14.08 30.21
C TYR C 74 0.97 13.63 30.20
N PHE C 75 0.53 13.06 31.31
CA PHE C 75 -0.84 12.59 31.47
C PHE C 75 -1.30 12.85 32.90
N SER C 76 -2.54 13.30 33.04
CA SER C 76 -3.11 13.62 34.34
C SER C 76 -4.49 12.99 34.47
N LEU C 77 -4.98 12.95 35.71
CA LEU C 77 -6.28 12.40 36.03
C LEU C 77 -7.13 13.44 36.74
N ASN C 78 -8.40 13.54 36.34
CA ASN C 78 -9.34 14.50 36.91
C ASN C 78 -10.30 13.73 37.82
N ILE C 79 -10.21 13.99 39.12
CA ILE C 79 -11.04 13.32 40.11
C ILE C 79 -11.83 14.39 40.87
N HIS C 80 -12.23 15.45 40.18
CA HIS C 80 -12.99 16.55 40.78
C HIS C 80 -14.14 16.09 41.66
N PRO C 81 -15.05 15.19 41.24
CA PRO C 81 -16.09 14.71 42.17
C PRO C 81 -15.65 13.47 42.93
N MET C 82 -14.77 13.65 43.91
CA MET C 82 -14.22 12.56 44.69
C MET C 82 -14.99 12.43 45.99
N GLU C 83 -15.58 11.25 46.22
CA GLU C 83 -16.31 10.96 47.43
C GLU C 83 -15.44 10.13 48.36
N GLU C 84 -16.03 9.65 49.46
CA GLU C 84 -15.31 8.83 50.43
C GLU C 84 -15.10 7.39 49.94
N ASP C 85 -15.70 7.01 48.82
CA ASP C 85 -15.57 5.67 48.28
C ASP C 85 -14.44 5.55 47.26
N ASP C 86 -13.58 6.55 47.16
CA ASP C 86 -12.47 6.56 46.22
C ASP C 86 -11.13 6.58 46.94
N THR C 87 -11.03 5.81 48.02
CA THR C 87 -9.78 5.71 48.79
C THR C 87 -9.07 4.43 48.38
N ALA C 88 -8.34 4.51 47.27
CA ALA C 88 -7.59 3.38 46.73
C ALA C 88 -6.26 3.90 46.19
N VAL C 89 -5.53 3.03 45.50
CA VAL C 89 -4.24 3.36 44.92
C VAL C 89 -4.36 3.22 43.40
N TYR C 90 -4.02 4.27 42.68
CA TYR C 90 -4.10 4.30 41.24
C TYR C 90 -2.72 4.14 40.62
N PHE C 91 -2.61 3.23 39.66
CA PHE C 91 -1.35 2.93 38.99
C PHE C 91 -1.46 3.25 37.50
N CYS C 92 -0.30 3.41 36.87
CA CYS C 92 -0.19 3.60 35.43
C CYS C 92 0.49 2.39 34.80
N GLN C 93 0.21 2.18 33.51
CA GLN C 93 0.79 1.07 32.79
C GLN C 93 0.82 1.42 31.31
N GLN C 94 2.02 1.48 30.72
CA GLN C 94 2.19 1.77 29.31
C GLN C 94 2.36 0.46 28.53
N THR C 95 1.85 0.46 27.30
CA THR C 95 1.84 -0.73 26.44
C THR C 95 2.52 -0.41 25.10
N LYS C 96 3.67 0.25 25.17
CA LYS C 96 4.46 0.56 23.98
C LYS C 96 5.61 -0.45 23.91
N GLY C 97 5.52 -1.38 22.96
CA GLY C 97 6.50 -2.44 22.85
C GLY C 97 6.44 -3.37 24.05
N VAL C 98 7.52 -4.14 24.22
CA VAL C 98 7.63 -5.05 25.37
C VAL C 98 8.30 -4.24 26.48
N SER C 99 7.50 -3.40 27.13
CA SER C 99 7.98 -2.60 28.26
C SER C 99 6.92 -2.49 29.35
N TRP C 100 6.03 -3.48 29.45
CA TRP C 100 4.91 -3.41 30.38
C TRP C 100 5.38 -3.37 31.82
N THR C 101 5.20 -2.23 32.48
CA THR C 101 5.57 -2.05 33.88
C THR C 101 4.44 -1.33 34.60
N PHE C 102 4.68 -1.03 35.88
CA PHE C 102 3.71 -0.31 36.70
C PHE C 102 4.41 0.83 37.42
N GLY C 103 3.61 1.71 38.00
CA GLY C 103 4.12 2.86 38.72
C GLY C 103 4.54 2.52 40.13
N GLY C 104 4.60 3.56 40.96
CA GLY C 104 5.00 3.40 42.34
C GLY C 104 3.83 3.34 43.30
N GLY C 105 2.73 3.99 42.94
CA GLY C 105 1.55 4.01 43.79
C GLY C 105 1.23 5.38 44.33
N THR C 106 -0.02 5.82 44.15
CA THR C 106 -0.47 7.13 44.60
C THR C 106 -1.76 6.95 45.40
N LYS C 107 -1.61 6.72 46.71
CA LYS C 107 -2.76 6.57 47.60
C LYS C 107 -3.25 7.94 48.07
N VAL C 108 -4.44 7.94 48.67
CA VAL C 108 -5.06 9.15 49.18
C VAL C 108 -5.44 8.92 50.64
N GLU C 109 -5.07 9.86 51.50
CA GLU C 109 -5.39 9.79 52.92
C GLU C 109 -5.18 11.14 53.60
N ILE C 110 -6.17 11.58 54.37
CA ILE C 110 -6.09 12.85 55.06
C ILE C 110 -6.13 12.65 56.57
C1 NAG D . -15.74 -4.42 15.18
C2 NAG D . -15.74 -3.10 14.41
C3 NAG D . -16.61 -2.08 15.13
C4 NAG D . -18.01 -2.63 15.36
C5 NAG D . -17.92 -3.97 16.10
C6 NAG D . -19.26 -4.65 16.26
C7 NAG D . -13.73 -2.61 13.08
C8 NAG D . -12.35 -2.05 13.09
N2 NAG D . -14.39 -2.59 14.24
O3 NAG D . -16.68 -0.89 14.35
O4 NAG D . -18.78 -1.72 16.13
O5 NAG D . -17.09 -4.88 15.35
O6 NAG D . -20.09 -3.94 17.18
O7 NAG D . -14.24 -3.08 12.06
C1 NAG D . -19.75 -0.85 15.70
C2 NAG D . -20.02 -0.25 14.31
C3 NAG D . -21.33 -0.78 13.73
C4 NAG D . -22.48 -0.66 14.73
C5 NAG D . -22.05 -1.15 16.11
C6 NAG D . -22.99 -2.19 16.68
C7 NAG D . -19.32 1.99 13.57
C8 NAG D . -18.46 1.29 12.55
N2 NAG D . -20.03 1.20 14.38
O3 NAG D . -21.16 -2.14 13.34
O4 NAG D . -22.90 0.70 14.83
O5 NAG D . -20.77 -1.78 16.01
O6 NAG D . -24.05 -2.48 15.78
O7 NAG D . -19.35 3.22 13.65
C1 D12 E . 16.94 -2.79 9.08
C2 D12 E . 17.65 -3.19 7.79
C3 D12 E . 16.88 -2.65 6.59
C4 D12 E . 17.60 -3.06 5.29
C5 D12 E . 16.82 -2.53 4.09
C6 D12 E . 17.52 -2.96 2.81
C7 D12 E . 16.76 -2.41 1.61
C8 D12 E . 17.47 -2.83 0.32
C9 D12 E . 16.74 -2.23 -0.88
C10 D12 E . 17.45 -2.64 -2.16
C11 D12 E . 16.74 -2.02 -3.36
C12 D12 E . 17.45 -2.43 -4.66
C1 D12 F . 18.74 8.50 3.39
C2 D12 F . 17.62 7.54 3.80
C3 D12 F . 18.20 6.43 4.69
C4 D12 F . 17.08 5.46 5.07
C5 D12 F . 17.66 4.34 5.92
C6 D12 F . 16.57 3.31 6.23
C7 D12 F . 15.45 3.98 7.01
C8 D12 F . 14.39 2.94 7.37
C9 D12 F . 13.26 3.62 8.14
C10 D12 F . 12.23 2.57 8.56
C11 D12 F . 12.88 1.56 9.50
C12 D12 F . 11.85 0.52 9.93
C20 HP6 G . 19.13 22.62 -7.77
C21 HP6 G . 17.90 22.72 -6.88
C22 HP6 G . 16.65 22.81 -7.75
C23 HP6 G . 15.41 22.90 -6.86
C24 HP6 G . 14.17 22.99 -7.73
C25 HP6 G . 12.93 23.10 -6.84
C26 HP6 G . 11.68 23.20 -7.71
C20 HP6 H . 2.24 17.96 3.58
C21 HP6 H . 0.95 18.40 2.90
C22 HP6 H . -0.19 18.38 3.90
C23 HP6 H . -1.48 18.86 3.24
C24 HP6 H . -2.62 18.86 4.26
C25 HP6 H . -3.89 19.38 3.59
C26 HP6 H . -5.03 19.38 4.61
C1 D10 I . -0.06 17.53 -6.27
C2 D10 I . -0.79 16.22 -6.49
C3 D10 I . -2.28 16.40 -6.20
C4 D10 I . -2.46 16.77 -4.74
C5 D10 I . -3.96 16.93 -4.43
C6 D10 I . -4.14 17.30 -2.97
C7 D10 I . -5.64 17.48 -2.68
C8 D10 I . -5.82 17.87 -1.21
C9 D10 I . -7.31 18.05 -0.92
C10 D10 I . -7.49 18.46 0.54
C1 LNK J . 7.18 27.39 -19.95
C2 LNK J . 5.79 26.82 -19.78
C3 LNK J . 5.05 26.88 -21.13
C4 LNK J . 3.64 26.31 -20.95
C5 LNK J . 2.90 26.38 -22.29
C1 D10 K . -2.81 -8.36 -29.78
C2 D10 K . -3.66 -9.16 -30.77
C3 D10 K . -3.39 -8.66 -32.18
C4 D10 K . -1.93 -8.90 -32.55
C5 D10 K . -1.67 -8.42 -33.97
C6 D10 K . -2.48 -9.28 -34.95
C7 D10 K . -2.32 -8.72 -36.36
C8 D10 K . -0.86 -8.78 -36.78
C9 D10 K . -0.69 -8.19 -38.18
C10 D10 K . -1.50 -9.02 -39.19
C1 D10 L . 10.98 17.36 4.25
C2 D10 L . 10.57 17.07 5.70
C3 D10 L . 10.40 15.57 5.88
C4 D10 L . 10.00 15.27 7.33
C5 D10 L . 9.85 13.77 7.51
C6 D10 L . 9.45 13.47 8.96
C7 D10 L . 8.10 14.11 9.26
C8 D10 L . 7.69 13.78 10.70
C9 D10 L . 6.35 14.43 11.01
C10 D10 L . 5.92 14.06 12.43
OH SRO M . 7.89 6.72 -12.34
CZ3 SRO M . 7.25 6.93 -13.57
CH2 SRO M . 7.20 8.19 -14.14
CZ2 SRO M . 6.57 8.40 -15.36
CE2 SRO M . 5.96 7.30 -16.02
NE1 SRO M . 5.28 7.23 -17.20
CD1 SRO M . 4.88 5.99 -17.43
CG SRO M . 5.30 5.19 -16.37
CD2 SRO M . 5.99 6.05 -15.46
CE3 SRO M . 6.64 5.84 -14.22
CB SRO M . 5.06 3.70 -16.21
CA SRO M . 5.79 2.87 -17.27
NZ SRO M . 5.02 1.68 -17.59
OH SRO N . -10.71 13.03 -15.37
CZ3 SRO N . -11.73 12.16 -15.79
CH2 SRO N . -12.70 12.61 -16.69
CZ2 SRO N . -13.71 11.75 -17.10
CE2 SRO N . -13.76 10.43 -16.61
NE1 SRO N . -14.63 9.41 -16.85
CD1 SRO N . -14.28 8.34 -16.16
CG SRO N . -13.13 8.63 -15.42
CD2 SRO N . -12.81 9.98 -15.72
CE3 SRO N . -11.78 10.86 -15.30
CB SRO N . -12.38 7.69 -14.49
CA SRO N . -11.79 6.48 -15.22
NZ SRO N . -11.75 5.33 -14.34
CL CL O . -1.98 -4.90 -19.13
#